data_2EIH
#
_entry.id   2EIH
#
_cell.length_a   75.580
_cell.length_b   133.890
_cell.length_c   75.670
_cell.angle_alpha   90.00
_cell.angle_beta   107.29
_cell.angle_gamma   90.00
#
_symmetry.space_group_name_H-M   'C 1 2 1'
#
loop_
_entity.id
_entity.type
_entity.pdbx_description
1 polymer 'Alcohol dehydrogenase'
2 non-polymer 'ZINC ION'
3 water water
#
_entity_poly.entity_id   1
_entity_poly.type   'polypeptide(L)'
_entity_poly.pdbx_seq_one_letter_code
;MRAVVMRARGGPEVLEVADLPVPEPGPKEVRVRLKAAALNHLDVWVRKGVASPKLPLPHVLGADGSGVVDAVGPGVEGFA
PGDEVVINPGLSCGRCERCLAGEDNLCPRYQILGEHRHGTYAEYVVLPEANLAPKPKNLSFEEAAAIPLTFLTAWQMVVD
KLGVRPGDDVLVMAAGSGVSVAAIQIAKLFGARVIATAGSEDKLRRAKALGADETVNYTHPDWPKEVRRLTGGKGADKVV
DHTGALYFEGVIKATANGGRIAIAGASSGYEGTLPFAHVFYRQLSILGSTMASKSRLFPILRFVEEGKLKPVVGQVLPLE
AAAEGHRLLEERRVFGKVVLQVG
;
_entity_poly.pdbx_strand_id   A,B
#
# COMPACT_ATOMS: atom_id res chain seq x y z
N MET A 1 4.19 -41.54 -21.07
CA MET A 1 3.18 -40.45 -20.90
C MET A 1 3.22 -39.51 -22.10
N ARG A 2 2.15 -38.75 -22.31
CA ARG A 2 2.16 -37.81 -23.41
C ARG A 2 2.97 -36.60 -22.99
N ALA A 3 3.70 -36.03 -23.95
CA ALA A 3 4.52 -34.85 -23.71
C ALA A 3 4.91 -34.25 -25.04
N VAL A 4 5.16 -32.95 -25.00
CA VAL A 4 5.62 -32.24 -26.18
C VAL A 4 7.09 -32.04 -25.94
N VAL A 5 7.90 -32.80 -26.68
CA VAL A 5 9.34 -32.72 -26.57
C VAL A 5 9.90 -31.75 -27.59
N MET A 6 11.16 -31.39 -27.38
CA MET A 6 11.88 -30.46 -28.22
C MET A 6 13.00 -31.25 -28.89
N ARG A 7 12.69 -31.84 -30.04
CA ARG A 7 13.67 -32.63 -30.80
C ARG A 7 14.94 -31.86 -31.08
N ALA A 8 14.79 -30.61 -31.52
CA ALA A 8 15.91 -29.76 -31.85
C ALA A 8 15.50 -28.30 -31.71
N ARG A 9 16.48 -27.41 -31.78
CA ARG A 9 16.23 -25.98 -31.66
C ARG A 9 15.87 -25.36 -33.01
N GLY A 10 14.90 -24.47 -33.00
CA GLY A 10 14.48 -23.83 -34.23
C GLY A 10 13.10 -23.19 -34.15
N GLY A 11 12.33 -23.36 -35.21
CA GLY A 11 11.00 -22.81 -35.26
C GLY A 11 10.04 -23.62 -34.43
N PRO A 12 8.82 -23.10 -34.20
CA PRO A 12 7.84 -23.84 -33.40
C PRO A 12 7.60 -25.29 -33.87
N GLU A 13 7.88 -25.54 -35.15
CA GLU A 13 7.70 -26.88 -35.71
C GLU A 13 8.57 -27.95 -35.05
N VAL A 14 9.59 -27.54 -34.30
CA VAL A 14 10.44 -28.51 -33.63
C VAL A 14 9.71 -29.14 -32.45
N LEU A 15 8.56 -28.57 -32.09
CA LEU A 15 7.78 -29.10 -30.98
C LEU A 15 6.87 -30.23 -31.48
N GLU A 16 7.07 -31.42 -30.94
CA GLU A 16 6.27 -32.56 -31.35
C GLU A 16 5.86 -33.42 -30.16
N VAL A 17 4.78 -34.17 -30.34
CA VAL A 17 4.27 -35.03 -29.30
C VAL A 17 5.06 -36.35 -29.24
N ALA A 18 5.44 -36.76 -28.04
CA ALA A 18 6.21 -37.99 -27.86
C ALA A 18 5.80 -38.66 -26.56
N ASP A 19 6.16 -39.94 -26.40
CA ASP A 19 5.82 -40.67 -25.20
C ASP A 19 7.05 -40.80 -24.33
N LEU A 20 7.02 -40.21 -23.13
CA LEU A 20 8.18 -40.31 -22.25
C LEU A 20 7.80 -41.03 -20.98
N PRO A 21 8.78 -41.66 -20.33
CA PRO A 21 8.49 -42.39 -19.09
C PRO A 21 8.05 -41.44 -17.99
N VAL A 22 7.20 -41.93 -17.09
CA VAL A 22 6.69 -41.13 -15.99
C VAL A 22 7.74 -40.93 -14.90
N PRO A 23 8.09 -39.67 -14.62
CA PRO A 23 9.09 -39.36 -13.58
C PRO A 23 8.66 -39.84 -12.20
N GLU A 24 9.65 -40.16 -11.37
CA GLU A 24 9.37 -40.63 -10.03
C GLU A 24 9.82 -39.63 -8.97
N PRO A 25 8.92 -39.28 -8.04
CA PRO A 25 9.22 -38.33 -6.98
C PRO A 25 10.24 -38.81 -5.95
N GLY A 26 11.25 -37.96 -5.71
CA GLY A 26 12.27 -38.27 -4.73
C GLY A 26 11.73 -38.27 -3.32
N PRO A 27 12.61 -38.08 -2.31
CA PRO A 27 12.20 -38.07 -0.91
C PRO A 27 11.24 -36.94 -0.56
N LYS A 28 11.66 -35.70 -0.81
CA LYS A 28 10.83 -34.54 -0.52
C LYS A 28 10.23 -33.98 -1.80
N GLU A 29 9.93 -34.87 -2.74
CA GLU A 29 9.36 -34.45 -4.00
C GLU A 29 7.96 -34.98 -4.21
N VAL A 30 7.26 -34.39 -5.17
CA VAL A 30 5.90 -34.78 -5.49
C VAL A 30 5.66 -34.74 -7.00
N ARG A 31 4.90 -35.70 -7.49
CA ARG A 31 4.58 -35.76 -8.91
C ARG A 31 3.18 -35.21 -9.10
N VAL A 32 3.06 -34.25 -10.01
CA VAL A 32 1.78 -33.63 -10.26
C VAL A 32 1.21 -34.09 -11.59
N ARG A 33 -0.09 -34.40 -11.61
CA ARG A 33 -0.72 -34.78 -12.86
C ARG A 33 -1.25 -33.42 -13.35
N LEU A 34 -0.66 -32.92 -14.42
CA LEU A 34 -1.01 -31.62 -14.99
C LEU A 34 -2.38 -31.55 -15.70
N LYS A 35 -2.99 -30.38 -15.62
CA LYS A 35 -4.28 -30.13 -16.24
C LYS A 35 -4.13 -29.03 -17.29
N ALA A 36 -3.25 -28.09 -16.99
CA ALA A 36 -3.00 -26.99 -17.87
C ALA A 36 -1.56 -26.49 -17.72
N ALA A 37 -0.96 -26.11 -18.84
CA ALA A 37 0.39 -25.57 -18.83
C ALA A 37 0.27 -24.24 -19.56
N ALA A 38 0.69 -23.18 -18.89
CA ALA A 38 0.63 -21.86 -19.48
C ALA A 38 1.92 -21.61 -20.24
N LEU A 39 1.80 -20.91 -21.35
CA LEU A 39 2.93 -20.59 -22.21
C LEU A 39 3.60 -19.26 -21.85
N ASN A 40 4.92 -19.27 -21.78
CA ASN A 40 5.69 -18.06 -21.48
C ASN A 40 6.73 -17.78 -22.57
N HIS A 41 7.12 -16.52 -22.72
CA HIS A 41 8.08 -16.16 -23.75
C HIS A 41 9.41 -16.89 -23.55
N LEU A 42 9.64 -17.31 -22.32
CA LEU A 42 10.83 -18.05 -21.97
C LEU A 42 10.88 -19.38 -22.72
N ASP A 43 9.73 -20.04 -22.87
CA ASP A 43 9.69 -21.31 -23.58
C ASP A 43 10.16 -21.07 -25.01
N VAL A 44 9.89 -19.88 -25.55
CA VAL A 44 10.28 -19.58 -26.93
C VAL A 44 11.80 -19.41 -27.06
N TRP A 45 12.40 -18.71 -26.11
CA TRP A 45 13.84 -18.51 -26.15
C TRP A 45 14.56 -19.87 -26.06
N VAL A 46 14.02 -20.78 -25.26
CA VAL A 46 14.63 -22.09 -25.13
C VAL A 46 14.44 -22.85 -26.45
N ARG A 47 13.28 -22.70 -27.07
CA ARG A 47 13.01 -23.39 -28.32
C ARG A 47 13.94 -22.90 -29.43
N LYS A 48 14.09 -21.59 -29.57
CA LYS A 48 14.95 -21.02 -30.60
C LYS A 48 16.42 -21.34 -30.36
N GLY A 49 16.80 -21.55 -29.10
CA GLY A 49 18.18 -21.85 -28.78
C GLY A 49 18.88 -20.65 -28.19
N VAL A 50 18.16 -19.55 -28.09
CA VAL A 50 18.70 -18.32 -27.53
C VAL A 50 18.97 -18.45 -26.04
N ALA A 51 18.28 -19.39 -25.40
CA ALA A 51 18.45 -19.61 -23.97
C ALA A 51 18.73 -21.06 -23.65
N SER A 52 19.45 -21.27 -22.57
CA SER A 52 19.78 -22.61 -22.10
C SER A 52 20.52 -23.48 -23.13
N PRO A 53 21.72 -23.04 -23.56
CA PRO A 53 22.50 -23.83 -24.52
C PRO A 53 23.00 -25.07 -23.79
N LYS A 54 23.65 -25.98 -24.51
CA LYS A 54 24.16 -27.21 -23.91
C LYS A 54 23.04 -27.99 -23.23
N LEU A 55 21.81 -27.64 -23.56
CA LEU A 55 20.63 -28.29 -23.01
C LEU A 55 20.39 -29.65 -23.68
N PRO A 56 20.33 -30.73 -22.88
CA PRO A 56 20.11 -32.06 -23.43
C PRO A 56 18.76 -32.16 -24.13
N LEU A 57 18.67 -33.03 -25.12
CA LEU A 57 17.43 -33.23 -25.86
C LEU A 57 17.08 -34.72 -25.83
N PRO A 58 15.78 -35.07 -25.92
CA PRO A 58 14.66 -34.12 -26.02
C PRO A 58 14.41 -33.36 -24.72
N HIS A 59 13.81 -32.18 -24.85
CA HIS A 59 13.49 -31.34 -23.70
C HIS A 59 12.02 -30.98 -23.63
N VAL A 60 11.48 -30.99 -22.41
CA VAL A 60 10.08 -30.63 -22.21
C VAL A 60 10.02 -29.22 -21.66
N LEU A 61 9.44 -28.32 -22.43
CA LEU A 61 9.31 -26.94 -22.00
C LEU A 61 8.19 -26.82 -20.97
N GLY A 62 7.95 -25.61 -20.49
CA GLY A 62 6.88 -25.39 -19.52
C GLY A 62 7.27 -25.00 -18.10
N ALA A 63 7.03 -23.74 -17.75
CA ALA A 63 7.34 -23.27 -16.41
C ALA A 63 6.05 -23.18 -15.59
N ASP A 64 4.99 -22.68 -16.20
CA ASP A 64 3.70 -22.55 -15.54
C ASP A 64 2.85 -23.80 -15.68
N GLY A 65 2.15 -24.16 -14.61
CA GLY A 65 1.30 -25.32 -14.67
C GLY A 65 0.41 -25.47 -13.46
N SER A 66 -0.69 -26.18 -13.66
CA SER A 66 -1.61 -26.45 -12.57
C SER A 66 -2.06 -27.87 -12.75
N GLY A 67 -2.51 -28.49 -11.67
CA GLY A 67 -2.96 -29.85 -11.78
C GLY A 67 -3.37 -30.42 -10.45
N VAL A 68 -3.36 -31.74 -10.37
CA VAL A 68 -3.75 -32.47 -9.18
C VAL A 68 -2.59 -33.34 -8.71
N VAL A 69 -2.41 -33.43 -7.40
CA VAL A 69 -1.34 -34.26 -6.87
C VAL A 69 -1.56 -35.72 -7.27
N ASP A 70 -0.55 -36.33 -7.88
CA ASP A 70 -0.66 -37.72 -8.30
C ASP A 70 -0.06 -38.65 -7.28
N ALA A 71 1.20 -38.41 -6.95
CA ALA A 71 1.89 -39.24 -5.98
C ALA A 71 2.93 -38.38 -5.30
N VAL A 72 3.29 -38.74 -4.07
CA VAL A 72 4.28 -37.97 -3.33
C VAL A 72 5.40 -38.87 -2.85
N GLY A 73 6.60 -38.30 -2.76
CA GLY A 73 7.75 -39.05 -2.31
C GLY A 73 7.53 -39.68 -0.95
N PRO A 74 8.52 -40.43 -0.43
CA PRO A 74 8.38 -41.08 0.88
C PRO A 74 8.18 -40.10 2.03
N GLY A 75 9.17 -39.25 2.27
CA GLY A 75 9.06 -38.29 3.35
C GLY A 75 8.52 -36.95 2.91
N VAL A 76 7.20 -36.84 2.81
CA VAL A 76 6.59 -35.59 2.39
C VAL A 76 5.23 -35.36 3.05
N GLU A 77 5.07 -34.17 3.61
CA GLU A 77 3.86 -33.80 4.30
C GLU A 77 3.28 -32.52 3.73
N GLY A 78 1.97 -32.35 3.87
CA GLY A 78 1.34 -31.16 3.35
C GLY A 78 0.82 -31.31 1.93
N PHE A 79 0.87 -32.53 1.40
CA PHE A 79 0.37 -32.84 0.05
C PHE A 79 -0.08 -34.29 -0.04
N ALA A 80 -1.28 -34.48 -0.58
CA ALA A 80 -1.85 -35.81 -0.73
C ALA A 80 -2.49 -35.92 -2.10
N PRO A 81 -2.53 -37.14 -2.67
CA PRO A 81 -3.14 -37.33 -3.98
C PRO A 81 -4.60 -36.92 -4.06
N GLY A 82 -4.86 -36.01 -5.00
CA GLY A 82 -6.20 -35.50 -5.21
C GLY A 82 -6.20 -34.00 -5.03
N ASP A 83 -5.23 -33.49 -4.26
CA ASP A 83 -5.11 -32.06 -4.00
C ASP A 83 -4.87 -31.21 -5.24
N GLU A 84 -5.66 -30.16 -5.40
CA GLU A 84 -5.50 -29.27 -6.54
C GLU A 84 -4.39 -28.27 -6.20
N VAL A 85 -3.46 -28.08 -7.14
CA VAL A 85 -2.31 -27.20 -6.95
C VAL A 85 -1.83 -26.46 -8.21
N VAL A 86 -1.03 -25.44 -7.99
CA VAL A 86 -0.42 -24.66 -9.06
C VAL A 86 1.07 -24.79 -8.75
N ILE A 87 1.90 -24.57 -9.75
CA ILE A 87 3.34 -24.68 -9.62
C ILE A 87 4.00 -23.33 -9.41
N ASN A 88 5.01 -23.30 -8.54
CA ASN A 88 5.81 -22.09 -8.23
C ASN A 88 7.04 -22.40 -9.08
N PRO A 89 7.16 -21.79 -10.26
CA PRO A 89 8.27 -22.01 -11.20
C PRO A 89 9.70 -21.75 -10.76
N GLY A 90 9.89 -21.20 -9.56
CA GLY A 90 11.24 -20.91 -9.10
C GLY A 90 11.99 -22.06 -8.44
N LEU A 91 13.06 -22.51 -9.08
CA LEU A 91 13.88 -23.58 -8.54
C LEU A 91 15.25 -23.09 -8.06
N SER A 92 15.57 -23.40 -6.82
CA SER A 92 16.83 -23.00 -6.21
C SER A 92 17.34 -24.14 -5.34
N CYS A 93 18.52 -23.95 -4.73
CA CYS A 93 19.09 -25.00 -3.88
C CYS A 93 18.63 -24.92 -2.43
N GLY A 94 18.06 -23.78 -2.07
CA GLY A 94 17.57 -23.60 -0.71
C GLY A 94 18.59 -23.82 0.40
N ARG A 95 19.87 -23.58 0.09
CA ARG A 95 20.93 -23.76 1.08
C ARG A 95 21.97 -22.63 1.07
N CYS A 96 21.98 -21.83 0.00
CA CYS A 96 22.95 -20.73 -0.10
C CYS A 96 22.39 -19.49 0.61
N GLU A 97 23.26 -18.49 0.79
CA GLU A 97 22.89 -17.25 1.45
C GLU A 97 21.65 -16.63 0.78
N ARG A 98 21.69 -16.46 -0.54
CA ARG A 98 20.57 -15.88 -1.27
C ARG A 98 19.24 -16.61 -0.99
N CYS A 99 19.29 -17.94 -0.98
CA CYS A 99 18.09 -18.73 -0.71
C CYS A 99 17.59 -18.60 0.72
N LEU A 100 18.49 -18.68 1.70
CA LEU A 100 18.05 -18.55 3.09
C LEU A 100 17.50 -17.16 3.40
N ALA A 101 17.79 -16.20 2.53
CA ALA A 101 17.32 -14.82 2.70
C ALA A 101 16.00 -14.60 1.96
N GLY A 102 15.53 -15.64 1.28
CA GLY A 102 14.28 -15.55 0.55
C GLY A 102 14.47 -15.19 -0.92
N GLU A 103 15.62 -14.62 -1.24
CA GLU A 103 15.95 -14.21 -2.58
C GLU A 103 16.38 -15.40 -3.45
N ASP A 104 15.55 -16.43 -3.50
CA ASP A 104 15.86 -17.62 -4.28
C ASP A 104 16.09 -17.31 -5.76
N ASN A 105 15.33 -16.35 -6.30
CA ASN A 105 15.45 -15.95 -7.70
C ASN A 105 16.80 -15.30 -7.99
N LEU A 106 17.61 -15.16 -6.95
CA LEU A 106 18.95 -14.59 -7.10
C LEU A 106 20.00 -15.64 -6.75
N CYS A 107 19.55 -16.87 -6.56
CA CYS A 107 20.45 -17.98 -6.24
C CYS A 107 21.39 -18.22 -7.43
N PRO A 108 22.66 -18.54 -7.14
CA PRO A 108 23.59 -18.77 -8.24
C PRO A 108 23.18 -19.99 -9.09
N ARG A 109 22.43 -20.91 -8.49
CA ARG A 109 21.95 -22.13 -9.16
C ARG A 109 20.46 -22.03 -9.52
N TYR A 110 19.92 -20.82 -9.46
CA TYR A 110 18.51 -20.57 -9.75
C TYR A 110 18.11 -21.09 -11.12
N GLN A 111 16.96 -21.74 -11.17
CA GLN A 111 16.45 -22.28 -12.42
C GLN A 111 14.94 -22.24 -12.49
N ILE A 112 14.43 -21.83 -13.65
CA ILE A 112 13.00 -21.79 -13.84
C ILE A 112 12.58 -23.11 -14.46
N LEU A 113 11.56 -23.74 -13.90
CA LEU A 113 11.06 -25.01 -14.42
C LEU A 113 10.90 -24.90 -15.93
N GLY A 114 11.35 -25.93 -16.66
CA GLY A 114 11.23 -25.93 -18.11
C GLY A 114 12.37 -25.24 -18.84
N GLU A 115 13.21 -24.53 -18.10
CA GLU A 115 14.33 -23.84 -18.70
C GLU A 115 15.53 -24.76 -18.85
N HIS A 116 15.72 -25.66 -17.89
CA HIS A 116 16.83 -26.60 -17.93
C HIS A 116 16.38 -28.01 -17.65
N ARG A 117 15.30 -28.13 -16.91
CA ARG A 117 14.72 -29.42 -16.55
C ARG A 117 13.33 -29.53 -17.18
N HIS A 118 12.89 -30.77 -17.45
CA HIS A 118 11.58 -30.99 -18.05
C HIS A 118 10.48 -30.19 -17.36
N GLY A 119 9.71 -29.46 -18.15
CA GLY A 119 8.65 -28.64 -17.59
C GLY A 119 7.23 -29.18 -17.58
N THR A 120 6.28 -28.27 -17.80
CA THR A 120 4.87 -28.63 -17.77
C THR A 120 4.18 -29.06 -19.05
N TYR A 121 4.90 -29.16 -20.17
CA TYR A 121 4.28 -29.58 -21.43
C TYR A 121 4.09 -31.11 -21.47
N ALA A 122 3.64 -31.69 -20.36
CA ALA A 122 3.41 -33.13 -20.27
C ALA A 122 2.26 -33.41 -19.31
N GLU A 123 1.90 -34.68 -19.20
CA GLU A 123 0.82 -35.09 -18.32
C GLU A 123 1.28 -35.20 -16.88
N TYR A 124 2.59 -35.23 -16.66
CA TYR A 124 3.12 -35.34 -15.31
C TYR A 124 4.43 -34.59 -15.16
N VAL A 125 4.70 -34.12 -13.95
CA VAL A 125 5.92 -33.41 -13.71
C VAL A 125 6.25 -33.62 -12.24
N VAL A 126 7.53 -33.73 -11.95
CA VAL A 126 7.97 -33.95 -10.59
C VAL A 126 8.79 -32.77 -10.14
N LEU A 127 8.41 -32.17 -9.02
CA LEU A 127 9.17 -31.05 -8.47
C LEU A 127 9.20 -31.09 -6.95
N PRO A 128 10.06 -30.28 -6.31
CA PRO A 128 10.14 -30.27 -4.86
C PRO A 128 8.86 -29.74 -4.18
N GLU A 129 8.52 -30.30 -3.02
CA GLU A 129 7.31 -29.86 -2.31
C GLU A 129 7.28 -28.36 -2.05
N ALA A 130 8.45 -27.72 -2.14
CA ALA A 130 8.55 -26.30 -1.90
C ALA A 130 8.06 -25.48 -3.09
N ASN A 131 7.88 -26.13 -4.22
CA ASN A 131 7.45 -25.44 -5.42
C ASN A 131 6.01 -25.75 -5.80
N LEU A 132 5.21 -26.09 -4.80
CA LEU A 132 3.80 -26.41 -5.00
C LEU A 132 2.91 -25.60 -4.07
N ALA A 133 1.89 -24.96 -4.63
CA ALA A 133 0.96 -24.17 -3.83
C ALA A 133 -0.46 -24.65 -4.13
N PRO A 134 -1.37 -24.49 -3.16
CA PRO A 134 -2.76 -24.92 -3.37
C PRO A 134 -3.43 -24.06 -4.41
N LYS A 135 -4.14 -24.71 -5.32
CA LYS A 135 -4.85 -24.00 -6.37
C LYS A 135 -6.12 -23.40 -5.83
N PRO A 136 -6.34 -22.11 -6.08
CA PRO A 136 -7.57 -21.47 -5.60
C PRO A 136 -8.78 -22.24 -6.17
N LYS A 137 -9.78 -22.49 -5.34
CA LYS A 137 -10.94 -23.25 -5.80
C LYS A 137 -11.93 -22.47 -6.64
N ASN A 138 -11.80 -21.15 -6.68
CA ASN A 138 -12.73 -20.36 -7.47
C ASN A 138 -12.25 -20.24 -8.93
N LEU A 139 -11.13 -20.89 -9.27
CA LEU A 139 -10.59 -20.82 -10.63
C LEU A 139 -10.57 -22.12 -11.43
N SER A 140 -10.56 -21.99 -12.75
CA SER A 140 -10.49 -23.17 -13.61
C SER A 140 -9.02 -23.49 -13.69
N PHE A 141 -8.69 -24.72 -14.05
CA PHE A 141 -7.29 -25.10 -14.16
C PHE A 141 -6.49 -24.18 -15.14
N GLU A 142 -7.10 -23.72 -16.23
CA GLU A 142 -6.39 -22.87 -17.19
C GLU A 142 -6.12 -21.48 -16.59
N GLU A 143 -7.03 -21.02 -15.74
CA GLU A 143 -6.90 -19.73 -15.11
C GLU A 143 -5.77 -19.82 -14.06
N ALA A 144 -5.78 -20.92 -13.31
CA ALA A 144 -4.77 -21.17 -12.28
C ALA A 144 -3.38 -21.22 -12.92
N ALA A 145 -3.22 -22.05 -13.95
CA ALA A 145 -1.92 -22.16 -14.62
C ALA A 145 -1.40 -20.83 -15.15
N ALA A 146 -2.31 -19.91 -15.44
CA ALA A 146 -1.88 -18.63 -15.97
C ALA A 146 -1.28 -17.64 -14.96
N ILE A 147 -1.52 -17.88 -13.67
CA ILE A 147 -1.06 -16.97 -12.63
C ILE A 147 0.42 -16.81 -12.24
N PRO A 148 1.04 -17.85 -11.64
CA PRO A 148 2.42 -17.85 -11.18
C PRO A 148 3.47 -16.96 -11.86
N LEU A 149 4.06 -17.44 -12.95
CA LEU A 149 5.10 -16.70 -13.66
C LEU A 149 4.83 -15.19 -13.83
N THR A 150 3.74 -14.80 -14.48
CA THR A 150 3.52 -13.37 -14.67
C THR A 150 3.18 -12.62 -13.38
N PHE A 151 2.33 -13.19 -12.54
CA PHE A 151 2.03 -12.47 -11.31
C PHE A 151 3.24 -12.25 -10.42
N LEU A 152 4.15 -13.21 -10.37
CA LEU A 152 5.34 -13.04 -9.54
C LEU A 152 6.25 -11.97 -10.10
N THR A 153 6.38 -11.93 -11.42
CA THR A 153 7.24 -10.95 -12.07
C THR A 153 6.65 -9.55 -11.93
N ALA A 154 5.35 -9.43 -12.10
CA ALA A 154 4.68 -8.14 -11.98
C ALA A 154 4.73 -7.66 -10.53
N TRP A 155 4.68 -8.59 -9.59
CA TRP A 155 4.68 -8.23 -8.18
C TRP A 155 6.01 -7.65 -7.73
N GLN A 156 7.12 -8.28 -8.13
CA GLN A 156 8.43 -7.78 -7.74
C GLN A 156 8.63 -6.38 -8.33
N MET A 157 8.17 -6.18 -9.56
CA MET A 157 8.32 -4.89 -10.21
C MET A 157 7.49 -3.80 -9.52
N VAL A 158 6.21 -4.07 -9.29
CA VAL A 158 5.28 -3.12 -8.66
C VAL A 158 5.53 -2.93 -7.17
N VAL A 159 5.48 -4.01 -6.41
CA VAL A 159 5.67 -3.95 -4.97
C VAL A 159 7.12 -3.71 -4.48
N ASP A 160 8.04 -4.62 -4.78
CA ASP A 160 9.43 -4.48 -4.34
C ASP A 160 10.27 -3.43 -5.09
N LYS A 161 10.34 -3.53 -6.41
CA LYS A 161 11.11 -2.60 -7.22
C LYS A 161 10.57 -1.17 -7.26
N LEU A 162 9.33 -1.00 -7.70
CA LEU A 162 8.75 0.33 -7.80
C LEU A 162 8.18 0.87 -6.49
N GLY A 163 7.93 -0.01 -5.53
CA GLY A 163 7.37 0.42 -4.26
C GLY A 163 6.09 1.24 -4.46
N VAL A 164 5.25 0.81 -5.40
CA VAL A 164 4.01 1.52 -5.66
C VAL A 164 3.20 1.70 -4.38
N ARG A 165 2.65 2.90 -4.22
CA ARG A 165 1.84 3.24 -3.04
C ARG A 165 0.66 4.12 -3.46
N PRO A 166 -0.37 4.22 -2.62
CA PRO A 166 -1.52 5.05 -2.98
C PRO A 166 -1.16 6.50 -3.33
N GLY A 167 -1.74 6.99 -4.41
CA GLY A 167 -1.46 8.36 -4.84
C GLY A 167 -0.47 8.37 -5.99
N ASP A 168 0.17 7.23 -6.20
CA ASP A 168 1.16 7.09 -7.28
C ASP A 168 0.49 6.99 -8.62
N ASP A 169 1.15 7.55 -9.62
CA ASP A 169 0.68 7.46 -10.98
C ASP A 169 1.57 6.39 -11.59
N VAL A 170 0.99 5.22 -11.83
CA VAL A 170 1.72 4.12 -12.41
C VAL A 170 1.40 4.00 -13.91
N LEU A 171 2.43 3.84 -14.73
CA LEU A 171 2.26 3.69 -16.17
C LEU A 171 2.64 2.25 -16.51
N VAL A 172 1.72 1.53 -17.15
CA VAL A 172 1.97 0.15 -17.57
C VAL A 172 2.02 0.13 -19.10
N MET A 173 3.09 -0.44 -19.67
CA MET A 173 3.25 -0.50 -21.11
C MET A 173 2.67 -1.74 -21.79
N ALA A 174 2.12 -1.52 -22.99
CA ALA A 174 1.54 -2.58 -23.79
C ALA A 174 0.63 -3.53 -23.03
N ALA A 175 -0.62 -3.14 -22.86
CA ALA A 175 -1.58 -3.96 -22.13
C ALA A 175 -1.91 -5.28 -22.82
N GLY A 176 -2.15 -6.31 -22.01
CA GLY A 176 -2.47 -7.63 -22.53
C GLY A 176 -1.28 -8.50 -22.87
N SER A 177 -0.14 -7.86 -23.02
CA SER A 177 1.09 -8.55 -23.37
C SER A 177 2.09 -8.60 -22.20
N GLY A 178 2.67 -9.77 -21.99
CA GLY A 178 3.63 -9.95 -20.92
C GLY A 178 3.06 -9.88 -19.52
N VAL A 179 3.64 -8.99 -18.71
CA VAL A 179 3.20 -8.83 -17.33
C VAL A 179 2.24 -7.66 -17.10
N SER A 180 1.84 -6.99 -18.16
CA SER A 180 0.95 -5.85 -18.04
C SER A 180 -0.38 -6.19 -17.36
N VAL A 181 -1.02 -7.29 -17.77
CA VAL A 181 -2.29 -7.70 -17.20
C VAL A 181 -2.18 -7.77 -15.68
N ALA A 182 -1.14 -8.43 -15.19
CA ALA A 182 -0.93 -8.56 -13.74
C ALA A 182 -0.49 -7.24 -13.09
N ALA A 183 0.34 -6.48 -13.79
CA ALA A 183 0.85 -5.21 -13.28
C ALA A 183 -0.23 -4.15 -13.10
N ILE A 184 -1.20 -4.15 -13.99
CA ILE A 184 -2.26 -3.16 -13.87
C ILE A 184 -3.08 -3.41 -12.61
N GLN A 185 -3.40 -4.69 -12.35
CA GLN A 185 -4.17 -5.11 -11.19
C GLN A 185 -3.41 -4.99 -9.86
N ILE A 186 -2.14 -5.37 -9.86
CA ILE A 186 -1.36 -5.29 -8.63
C ILE A 186 -1.18 -3.81 -8.30
N ALA A 187 -0.91 -3.02 -9.35
CA ALA A 187 -0.74 -1.58 -9.20
C ALA A 187 -1.96 -0.97 -8.51
N LYS A 188 -3.15 -1.27 -9.01
CA LYS A 188 -4.37 -0.75 -8.42
C LYS A 188 -4.54 -1.27 -6.99
N LEU A 189 -4.20 -2.54 -6.79
CA LEU A 189 -4.30 -3.16 -5.48
C LEU A 189 -3.50 -2.34 -4.46
N PHE A 190 -2.41 -1.72 -4.89
CA PHE A 190 -1.58 -0.91 -4.01
C PHE A 190 -1.92 0.59 -3.99
N GLY A 191 -3.12 0.93 -4.45
CA GLY A 191 -3.58 2.30 -4.43
C GLY A 191 -3.12 3.29 -5.47
N ALA A 192 -2.60 2.81 -6.59
CA ALA A 192 -2.13 3.72 -7.63
C ALA A 192 -3.23 4.09 -8.63
N ARG A 193 -2.92 5.08 -9.46
CA ARG A 193 -3.81 5.52 -10.52
C ARG A 193 -3.09 5.00 -11.74
N VAL A 194 -3.65 3.99 -12.38
CA VAL A 194 -3.01 3.40 -13.54
C VAL A 194 -3.34 3.99 -14.89
N ILE A 195 -2.30 4.22 -15.67
CA ILE A 195 -2.45 4.71 -17.01
C ILE A 195 -1.85 3.58 -17.83
N ALA A 196 -2.64 2.98 -18.72
CA ALA A 196 -2.12 1.87 -19.52
C ALA A 196 -2.03 2.23 -21.00
N THR A 197 -1.00 1.72 -21.68
CA THR A 197 -0.84 2.01 -23.10
C THR A 197 -0.87 0.72 -23.91
N ALA A 198 -1.46 0.79 -25.10
CA ALA A 198 -1.57 -0.35 -26.00
C ALA A 198 -1.61 0.16 -27.43
N GLY A 199 -1.60 -0.76 -28.39
CA GLY A 199 -1.62 -0.37 -29.79
C GLY A 199 -3.00 -0.27 -30.45
N SER A 200 -3.89 -1.18 -30.06
CA SER A 200 -5.25 -1.20 -30.62
C SER A 200 -6.21 -0.59 -29.60
N GLU A 201 -7.39 -0.18 -30.06
CA GLU A 201 -8.40 0.40 -29.19
C GLU A 201 -9.00 -0.72 -28.33
N ASP A 202 -9.03 -1.92 -28.88
CA ASP A 202 -9.58 -3.06 -28.15
C ASP A 202 -8.79 -3.30 -26.88
N LYS A 203 -7.46 -3.39 -26.99
CA LYS A 203 -6.62 -3.62 -25.83
C LYS A 203 -6.79 -2.53 -24.78
N LEU A 204 -6.88 -1.28 -25.20
CA LEU A 204 -7.06 -0.19 -24.25
C LEU A 204 -8.40 -0.29 -23.55
N ARG A 205 -9.43 -0.68 -24.30
CA ARG A 205 -10.77 -0.82 -23.75
C ARG A 205 -10.70 -1.96 -22.74
N ARG A 206 -9.88 -2.95 -23.08
CA ARG A 206 -9.68 -4.12 -22.27
C ARG A 206 -8.93 -3.76 -20.99
N ALA A 207 -8.01 -2.80 -21.12
CA ALA A 207 -7.20 -2.34 -20.00
C ALA A 207 -8.09 -1.71 -18.94
N LYS A 208 -8.92 -0.75 -19.33
CA LYS A 208 -9.81 -0.10 -18.35
C LYS A 208 -10.66 -1.12 -17.61
N ALA A 209 -11.08 -2.16 -18.32
CA ALA A 209 -11.91 -3.19 -17.71
C ALA A 209 -11.14 -3.89 -16.60
N LEU A 210 -9.82 -3.83 -16.70
CA LEU A 210 -8.95 -4.46 -15.70
C LEU A 210 -8.63 -3.54 -14.52
N GLY A 211 -8.92 -2.25 -14.68
CA GLY A 211 -8.65 -1.29 -13.61
C GLY A 211 -7.88 -0.07 -14.06
N ALA A 212 -7.39 -0.10 -15.29
CA ALA A 212 -6.64 1.04 -15.83
C ALA A 212 -7.52 2.29 -15.79
N ASP A 213 -7.08 3.30 -15.04
CA ASP A 213 -7.83 4.53 -14.93
C ASP A 213 -7.77 5.40 -16.17
N GLU A 214 -6.66 5.33 -16.89
CA GLU A 214 -6.46 6.13 -18.08
C GLU A 214 -5.81 5.26 -19.17
N THR A 215 -6.03 5.63 -20.43
CA THR A 215 -5.45 4.87 -21.53
C THR A 215 -4.78 5.76 -22.57
N VAL A 216 -3.70 5.27 -23.16
CA VAL A 216 -2.98 6.02 -24.18
C VAL A 216 -2.56 5.08 -25.31
N ASN A 217 -2.58 5.59 -26.53
CA ASN A 217 -2.21 4.79 -27.69
C ASN A 217 -0.82 5.18 -28.16
N TYR A 218 0.14 4.26 -28.07
CA TYR A 218 1.50 4.57 -28.48
C TYR A 218 1.76 4.44 -29.97
N THR A 219 0.69 4.38 -30.76
CA THR A 219 0.83 4.28 -32.21
C THR A 219 1.09 5.68 -32.77
N HIS A 220 0.86 6.69 -31.93
CA HIS A 220 1.08 8.08 -32.32
C HIS A 220 2.49 8.49 -31.88
N PRO A 221 3.20 9.28 -32.70
CA PRO A 221 4.56 9.71 -32.37
C PRO A 221 4.69 10.63 -31.16
N ASP A 222 3.56 11.01 -30.56
CA ASP A 222 3.57 11.90 -29.41
C ASP A 222 2.77 11.39 -28.22
N TRP A 223 2.67 10.07 -28.08
CA TRP A 223 1.92 9.48 -26.98
C TRP A 223 2.52 9.84 -25.61
N PRO A 224 3.85 10.02 -25.53
CA PRO A 224 4.43 10.36 -24.23
C PRO A 224 3.80 11.65 -23.69
N LYS A 225 3.42 12.52 -24.62
CA LYS A 225 2.81 13.80 -24.29
C LYS A 225 1.44 13.63 -23.65
N GLU A 226 0.75 12.57 -24.04
CA GLU A 226 -0.57 12.32 -23.47
C GLU A 226 -0.45 11.85 -22.03
N VAL A 227 0.56 11.05 -21.75
CA VAL A 227 0.77 10.57 -20.39
C VAL A 227 1.06 11.77 -19.50
N ARG A 228 1.90 12.68 -19.99
CA ARG A 228 2.23 13.88 -19.23
C ARG A 228 0.94 14.68 -18.97
N ARG A 229 0.17 14.89 -20.03
CA ARG A 229 -1.08 15.64 -19.94
C ARG A 229 -2.05 14.98 -18.97
N LEU A 230 -2.01 13.65 -18.92
CA LEU A 230 -2.87 12.86 -18.06
C LEU A 230 -2.45 12.79 -16.59
N THR A 231 -1.26 13.31 -16.27
CA THR A 231 -0.78 13.32 -14.89
C THR A 231 -0.36 14.72 -14.44
N GLY A 232 -1.23 15.70 -14.67
CA GLY A 232 -0.94 17.05 -14.27
C GLY A 232 0.33 17.63 -14.87
N GLY A 233 0.76 17.10 -16.00
CA GLY A 233 1.96 17.60 -16.64
C GLY A 233 3.25 17.08 -16.02
N LYS A 234 3.18 16.54 -14.81
CA LYS A 234 4.38 16.05 -14.14
C LYS A 234 4.93 14.76 -14.71
N GLY A 235 4.05 13.88 -15.18
CA GLY A 235 4.50 12.61 -15.74
C GLY A 235 4.23 11.46 -14.77
N ALA A 236 4.44 10.21 -15.21
CA ALA A 236 4.20 9.07 -14.33
C ALA A 236 5.29 8.90 -13.28
N ASP A 237 4.89 8.54 -12.07
CA ASP A 237 5.83 8.34 -10.97
C ASP A 237 6.53 6.99 -11.08
N LYS A 238 5.75 5.96 -11.37
CA LYS A 238 6.26 4.60 -11.50
C LYS A 238 5.89 4.04 -12.86
N VAL A 239 6.81 3.31 -13.48
CA VAL A 239 6.55 2.72 -14.79
C VAL A 239 6.90 1.23 -14.89
N VAL A 240 5.96 0.45 -15.40
CA VAL A 240 6.18 -0.99 -15.58
C VAL A 240 6.34 -1.23 -17.08
N ASP A 241 7.52 -1.65 -17.49
CA ASP A 241 7.80 -1.89 -18.90
C ASP A 241 8.34 -3.30 -19.13
N HIS A 242 7.81 -4.00 -20.13
CA HIS A 242 8.30 -5.36 -20.40
C HIS A 242 8.74 -5.46 -21.86
N THR A 243 8.77 -4.33 -22.54
CA THR A 243 9.15 -4.32 -23.93
C THR A 243 10.45 -3.54 -24.11
N GLY A 244 10.40 -2.24 -23.82
CA GLY A 244 11.57 -1.40 -23.94
C GLY A 244 12.30 -1.57 -25.27
N ALA A 245 13.49 -1.00 -25.35
CA ALA A 245 14.30 -1.10 -26.56
C ALA A 245 13.53 -0.74 -27.83
N LEU A 246 12.53 0.13 -27.68
CA LEU A 246 11.74 0.56 -28.82
C LEU A 246 10.96 1.81 -28.47
N TYR A 247 10.25 1.76 -27.34
CA TYR A 247 9.48 2.92 -26.90
C TYR A 247 10.16 3.51 -25.68
N PHE A 248 11.24 2.87 -25.25
CA PHE A 248 11.96 3.31 -24.06
C PHE A 248 12.23 4.80 -24.04
N GLU A 249 12.48 5.36 -25.21
CA GLU A 249 12.74 6.79 -25.29
C GLU A 249 11.46 7.53 -24.92
N GLY A 250 10.33 6.96 -25.33
CA GLY A 250 9.03 7.57 -25.04
C GLY A 250 8.69 7.42 -23.58
N VAL A 251 9.08 6.29 -22.99
CA VAL A 251 8.82 6.02 -21.59
C VAL A 251 9.59 7.02 -20.75
N ILE A 252 10.90 7.12 -21.02
CA ILE A 252 11.75 8.05 -20.30
C ILE A 252 11.19 9.46 -20.36
N LYS A 253 10.58 9.78 -21.49
CA LYS A 253 9.99 11.09 -21.70
C LYS A 253 8.72 11.23 -20.86
N ALA A 254 7.99 10.12 -20.72
CA ALA A 254 6.74 10.11 -19.97
C ALA A 254 6.94 9.97 -18.47
N THR A 255 8.18 9.68 -18.06
CA THR A 255 8.47 9.50 -16.66
C THR A 255 8.70 10.82 -15.93
N ALA A 256 8.03 11.00 -14.81
CA ALA A 256 8.17 12.22 -14.03
C ALA A 256 9.55 12.25 -13.39
N ASN A 257 9.92 13.40 -12.83
CA ASN A 257 11.20 13.54 -12.18
C ASN A 257 11.31 12.59 -10.99
N GLY A 258 12.49 12.04 -10.78
CA GLY A 258 12.72 11.12 -9.68
C GLY A 258 11.88 9.87 -9.79
N GLY A 259 11.38 9.61 -10.99
CA GLY A 259 10.56 8.45 -11.22
C GLY A 259 11.33 7.15 -11.31
N ARG A 260 10.60 6.05 -11.18
CA ARG A 260 11.20 4.74 -11.24
C ARG A 260 10.59 3.96 -12.38
N ILE A 261 11.45 3.24 -13.09
CA ILE A 261 11.04 2.42 -14.24
C ILE A 261 11.51 0.99 -14.00
N ALA A 262 10.58 0.06 -13.97
CA ALA A 262 10.90 -1.35 -13.76
C ALA A 262 10.84 -2.06 -15.12
N ILE A 263 11.90 -2.76 -15.46
CA ILE A 263 11.96 -3.47 -16.73
C ILE A 263 12.08 -4.97 -16.57
N ALA A 264 11.11 -5.68 -17.14
CA ALA A 264 11.06 -7.13 -17.07
C ALA A 264 12.04 -7.80 -18.02
N GLY A 265 11.50 -8.31 -19.13
CA GLY A 265 12.33 -8.97 -20.11
C GLY A 265 12.40 -8.18 -21.40
N ALA A 266 12.69 -6.90 -21.27
CA ALA A 266 12.77 -6.01 -22.42
C ALA A 266 13.96 -6.37 -23.31
N SER A 267 13.85 -7.53 -23.99
CA SER A 267 14.89 -8.00 -24.90
C SER A 267 14.46 -7.72 -26.33
N SER A 268 14.04 -6.47 -26.58
CA SER A 268 13.58 -6.08 -27.90
C SER A 268 14.76 -5.99 -28.88
N GLY A 269 14.54 -5.30 -30.01
CA GLY A 269 15.58 -5.16 -31.01
C GLY A 269 16.71 -4.21 -30.68
N TYR A 270 16.93 -3.23 -31.56
CA TYR A 270 17.98 -2.25 -31.39
C TYR A 270 17.87 -1.56 -30.03
N GLU A 271 18.95 -0.91 -29.62
CA GLU A 271 18.98 -0.19 -28.36
C GLU A 271 19.22 1.28 -28.64
N GLY A 272 19.04 1.65 -29.92
CA GLY A 272 19.21 3.03 -30.35
C GLY A 272 20.43 3.72 -29.76
N THR A 273 20.20 4.50 -28.72
CA THR A 273 21.26 5.23 -28.03
C THR A 273 20.88 5.50 -26.59
N LEU A 274 19.58 5.47 -26.30
CA LEU A 274 19.07 5.72 -24.95
C LEU A 274 19.55 7.07 -24.41
N PRO A 275 18.74 8.12 -24.60
CA PRO A 275 19.08 9.47 -24.14
C PRO A 275 19.41 9.59 -22.66
N PHE A 276 20.68 9.39 -22.34
CA PHE A 276 21.17 9.49 -20.97
C PHE A 276 21.11 10.95 -20.56
N ALA A 277 21.65 11.25 -19.39
CA ALA A 277 21.65 12.62 -18.87
C ALA A 277 20.22 13.09 -18.64
N HIS A 278 19.27 12.33 -19.15
CA HIS A 278 17.87 12.66 -18.98
C HIS A 278 17.40 11.84 -17.78
N VAL A 279 18.03 10.69 -17.61
CA VAL A 279 17.71 9.79 -16.52
C VAL A 279 18.54 10.16 -15.30
N PHE A 280 19.61 10.90 -15.53
CA PHE A 280 20.49 11.31 -14.44
C PHE A 280 20.10 12.68 -13.92
N TYR A 281 20.02 13.65 -14.82
CA TYR A 281 19.65 15.00 -14.45
C TYR A 281 18.33 15.00 -13.68
N ARG A 282 17.37 14.21 -14.17
CA ARG A 282 16.07 14.15 -13.50
C ARG A 282 15.99 13.07 -12.43
N GLN A 283 17.15 12.51 -12.08
CA GLN A 283 17.23 11.50 -11.04
C GLN A 283 16.29 10.30 -11.23
N LEU A 284 16.19 9.82 -12.45
CA LEU A 284 15.34 8.67 -12.72
C LEU A 284 16.06 7.39 -12.30
N SER A 285 15.29 6.31 -12.15
CA SER A 285 15.85 5.01 -11.74
C SER A 285 15.33 3.93 -12.67
N ILE A 286 16.24 3.14 -13.21
CA ILE A 286 15.86 2.04 -14.08
C ILE A 286 16.21 0.76 -13.35
N LEU A 287 15.22 -0.08 -13.14
CA LEU A 287 15.42 -1.30 -12.39
C LEU A 287 15.09 -2.57 -13.17
N GLY A 288 16.05 -3.48 -13.27
CA GLY A 288 15.80 -4.72 -13.98
C GLY A 288 15.17 -5.71 -13.00
N SER A 289 14.24 -6.52 -13.48
CA SER A 289 13.58 -7.48 -12.62
C SER A 289 13.20 -8.77 -13.33
N THR A 290 13.64 -9.89 -12.77
CA THR A 290 13.31 -11.18 -13.34
C THR A 290 12.68 -12.01 -12.25
N MET A 291 11.48 -12.49 -12.51
CA MET A 291 10.76 -13.31 -11.53
C MET A 291 10.59 -12.60 -10.17
N ALA A 292 10.53 -13.39 -9.10
CA ALA A 292 10.37 -12.86 -7.76
C ALA A 292 10.63 -13.97 -6.76
N SER A 293 10.56 -13.65 -5.48
CA SER A 293 10.78 -14.63 -4.43
C SER A 293 9.57 -15.59 -4.36
N LYS A 294 9.85 -16.87 -4.17
CA LYS A 294 8.78 -17.86 -4.09
C LYS A 294 7.72 -17.51 -3.05
N SER A 295 8.14 -16.85 -1.99
CA SER A 295 7.22 -16.48 -0.91
C SER A 295 6.09 -15.57 -1.39
N ARG A 296 6.37 -14.80 -2.44
CA ARG A 296 5.38 -13.88 -2.98
C ARG A 296 4.16 -14.56 -3.59
N LEU A 297 4.26 -15.85 -3.93
CA LEU A 297 3.15 -16.57 -4.55
C LEU A 297 1.99 -16.78 -3.58
N PHE A 298 2.27 -16.73 -2.28
CA PHE A 298 1.23 -16.92 -1.26
C PHE A 298 0.25 -15.75 -1.20
N PRO A 299 0.76 -14.51 -1.03
CA PRO A 299 -0.19 -13.41 -0.99
C PRO A 299 -0.96 -13.30 -2.31
N ILE A 300 -0.28 -13.51 -3.43
CA ILE A 300 -0.92 -13.43 -4.74
C ILE A 300 -2.14 -14.33 -4.84
N LEU A 301 -1.97 -15.63 -4.58
CA LEU A 301 -3.08 -16.58 -4.65
C LEU A 301 -4.20 -16.22 -3.67
N ARG A 302 -3.85 -15.64 -2.54
CA ARG A 302 -4.82 -15.21 -1.55
C ARG A 302 -5.70 -14.11 -2.17
N PHE A 303 -5.09 -13.09 -2.77
CA PHE A 303 -5.82 -12.02 -3.42
C PHE A 303 -6.65 -12.56 -4.59
N VAL A 304 -6.14 -13.61 -5.25
CA VAL A 304 -6.87 -14.20 -6.36
C VAL A 304 -8.15 -14.90 -5.87
N GLU A 305 -8.09 -15.56 -4.73
CA GLU A 305 -9.30 -16.21 -4.22
C GLU A 305 -10.32 -15.18 -3.78
N GLU A 306 -9.85 -14.01 -3.36
CA GLU A 306 -10.74 -12.94 -2.92
C GLU A 306 -11.34 -12.23 -4.11
N GLY A 307 -10.65 -12.34 -5.25
CA GLY A 307 -11.11 -11.73 -6.48
C GLY A 307 -10.50 -10.36 -6.67
N LYS A 308 -9.49 -10.01 -5.89
CA LYS A 308 -8.86 -8.70 -6.03
C LYS A 308 -7.85 -8.72 -7.17
N LEU A 309 -7.45 -9.92 -7.57
CA LEU A 309 -6.51 -10.10 -8.65
C LEU A 309 -7.01 -11.27 -9.49
N LYS A 310 -6.96 -11.17 -10.81
CA LYS A 310 -7.43 -12.30 -11.60
C LYS A 310 -6.64 -12.51 -12.88
N PRO A 311 -6.39 -13.78 -13.22
CA PRO A 311 -5.63 -14.06 -14.44
C PRO A 311 -6.50 -13.84 -15.67
N VAL A 312 -5.86 -13.59 -16.80
CA VAL A 312 -6.59 -13.39 -18.03
C VAL A 312 -6.15 -14.41 -19.06
N VAL A 313 -7.03 -15.38 -19.31
CA VAL A 313 -6.77 -16.43 -20.28
C VAL A 313 -7.20 -15.96 -21.66
N GLY A 314 -6.21 -15.73 -22.53
CA GLY A 314 -6.51 -15.27 -23.88
C GLY A 314 -6.96 -16.37 -24.82
N GLN A 315 -6.29 -17.53 -24.82
CA GLN A 315 -6.67 -18.64 -25.69
C GLN A 315 -6.25 -19.98 -25.06
N VAL A 316 -7.02 -21.03 -25.34
CA VAL A 316 -6.69 -22.36 -24.84
C VAL A 316 -6.44 -23.27 -26.04
N LEU A 317 -5.45 -24.14 -25.93
CA LEU A 317 -5.11 -25.05 -27.01
C LEU A 317 -4.82 -26.43 -26.43
N PRO A 318 -5.08 -27.49 -27.20
CA PRO A 318 -4.78 -28.81 -26.66
C PRO A 318 -3.25 -28.95 -26.59
N LEU A 319 -2.77 -29.76 -25.65
CA LEU A 319 -1.34 -29.96 -25.47
C LEU A 319 -0.57 -30.25 -26.76
N GLU A 320 -1.16 -31.10 -27.61
CA GLU A 320 -0.53 -31.48 -28.87
C GLU A 320 -0.40 -30.34 -29.86
N ALA A 321 -0.89 -29.16 -29.49
CA ALA A 321 -0.82 -28.01 -30.38
C ALA A 321 0.11 -26.92 -29.85
N ALA A 322 1.10 -27.32 -29.05
CA ALA A 322 2.06 -26.37 -28.49
C ALA A 322 2.71 -25.50 -29.56
N ALA A 323 2.95 -26.07 -30.73
CA ALA A 323 3.57 -25.36 -31.84
C ALA A 323 2.73 -24.15 -32.21
N GLU A 324 1.45 -24.39 -32.49
CA GLU A 324 0.52 -23.32 -32.84
C GLU A 324 0.46 -22.32 -31.71
N GLY A 325 0.63 -22.79 -30.48
CA GLY A 325 0.60 -21.92 -29.34
C GLY A 325 1.79 -20.99 -29.31
N HIS A 326 2.96 -21.48 -29.75
CA HIS A 326 4.14 -20.62 -29.76
C HIS A 326 4.04 -19.55 -30.84
N ARG A 327 3.26 -19.83 -31.88
CA ARG A 327 3.07 -18.87 -32.96
C ARG A 327 2.24 -17.71 -32.40
N LEU A 328 1.10 -18.04 -31.82
CA LEU A 328 0.21 -17.05 -31.22
C LEU A 328 0.92 -16.11 -30.27
N LEU A 329 1.84 -16.67 -29.50
CA LEU A 329 2.58 -15.89 -28.51
C LEU A 329 3.66 -15.03 -29.13
N GLU A 330 4.35 -15.56 -30.13
CA GLU A 330 5.40 -14.81 -30.79
C GLU A 330 4.91 -13.57 -31.51
N GLU A 331 3.65 -13.60 -31.97
CA GLU A 331 3.09 -12.46 -32.69
C GLU A 331 2.41 -11.43 -31.78
N ARG A 332 2.50 -11.64 -30.47
CA ARG A 332 1.90 -10.75 -29.47
C ARG A 332 0.53 -10.21 -29.86
N ARG A 333 -0.30 -11.07 -30.44
CA ARG A 333 -1.63 -10.65 -30.87
C ARG A 333 -2.69 -10.92 -29.81
N VAL A 334 -2.64 -12.12 -29.24
CA VAL A 334 -3.61 -12.48 -28.21
C VAL A 334 -3.47 -11.65 -26.95
N PHE A 335 -4.61 -11.18 -26.43
CA PHE A 335 -4.62 -10.38 -25.20
C PHE A 335 -4.80 -11.38 -24.06
N GLY A 336 -3.76 -11.54 -23.25
CA GLY A 336 -3.83 -12.47 -22.15
C GLY A 336 -2.95 -13.69 -22.34
N LYS A 337 -3.08 -14.64 -21.43
CA LYS A 337 -2.28 -15.86 -21.43
C LYS A 337 -2.73 -16.93 -22.44
N VAL A 338 -1.77 -17.65 -23.00
CA VAL A 338 -2.04 -18.73 -23.93
C VAL A 338 -1.80 -19.96 -23.06
N VAL A 339 -2.86 -20.73 -22.83
CA VAL A 339 -2.78 -21.90 -21.99
C VAL A 339 -3.08 -23.21 -22.70
N LEU A 340 -2.19 -24.16 -22.48
CA LEU A 340 -2.30 -25.49 -23.05
C LEU A 340 -3.09 -26.34 -22.05
N GLN A 341 -4.00 -27.13 -22.60
CA GLN A 341 -4.82 -28.04 -21.81
C GLN A 341 -4.20 -29.42 -21.97
N VAL A 342 -3.69 -29.97 -20.88
CA VAL A 342 -3.05 -31.28 -20.91
C VAL A 342 -4.07 -32.39 -20.72
N GLY A 343 -4.66 -32.43 -19.53
CA GLY A 343 -5.65 -33.44 -19.23
C GLY A 343 -6.69 -32.90 -18.26
N MET B 1 -10.09 40.80 20.40
CA MET B 1 -10.85 39.72 19.71
C MET B 1 -11.41 38.78 20.76
N ARG B 2 -12.51 38.11 20.43
CA ARG B 2 -13.13 37.16 21.35
C ARG B 2 -12.25 35.89 21.35
N ALA B 3 -12.14 35.24 22.50
CA ALA B 3 -11.36 34.02 22.59
C ALA B 3 -11.60 33.32 23.90
N VAL B 4 -11.44 32.01 23.91
CA VAL B 4 -11.62 31.23 25.12
C VAL B 4 -10.25 31.05 25.71
N VAL B 5 -10.14 31.22 27.02
CA VAL B 5 -8.84 31.08 27.67
C VAL B 5 -9.00 30.34 29.00
N MET B 6 -7.87 29.90 29.56
CA MET B 6 -7.92 29.22 30.85
C MET B 6 -7.23 30.06 31.90
N ARG B 7 -7.98 30.42 32.93
CA ARG B 7 -7.47 31.24 34.02
C ARG B 7 -6.61 30.41 34.96
N ALA B 8 -6.88 29.10 35.01
CA ALA B 8 -6.16 28.17 35.88
C ALA B 8 -6.08 26.78 35.25
N ARG B 9 -5.41 25.85 35.94
CA ARG B 9 -5.27 24.48 35.45
C ARG B 9 -6.14 23.52 36.24
N GLY B 10 -7.42 23.45 35.88
CA GLY B 10 -8.34 22.57 36.57
C GLY B 10 -9.24 21.81 35.60
N GLY B 11 -10.52 21.73 35.93
CA GLY B 11 -11.47 21.05 35.07
C GLY B 11 -11.94 21.96 33.96
N PRO B 12 -12.96 21.55 33.18
CA PRO B 12 -13.44 22.42 32.09
C PRO B 12 -14.02 23.76 32.55
N GLU B 13 -14.14 23.95 33.86
CA GLU B 13 -14.68 25.18 34.41
C GLU B 13 -13.69 26.34 34.33
N VAL B 14 -12.41 26.01 34.16
CA VAL B 14 -11.36 27.04 34.07
C VAL B 14 -11.37 27.77 32.73
N LEU B 15 -12.02 27.18 31.72
CA LEU B 15 -12.09 27.79 30.40
C LEU B 15 -13.12 28.92 30.43
N GLU B 16 -12.64 30.15 30.28
CA GLU B 16 -13.54 31.30 30.30
C GLU B 16 -13.46 32.06 28.99
N VAL B 17 -14.40 32.98 28.81
CA VAL B 17 -14.44 33.78 27.60
C VAL B 17 -13.99 35.20 27.91
N ALA B 18 -13.01 35.70 27.18
CA ALA B 18 -12.53 37.05 27.41
C ALA B 18 -12.09 37.69 26.11
N ASP B 19 -11.49 38.88 26.20
CA ASP B 19 -11.01 39.58 25.02
C ASP B 19 -9.50 39.75 25.12
N LEU B 20 -8.81 39.54 24.00
CA LEU B 20 -7.36 39.67 23.97
C LEU B 20 -6.94 40.45 22.73
N PRO B 21 -5.83 41.19 22.81
CA PRO B 21 -5.42 41.94 21.62
C PRO B 21 -5.21 41.02 20.43
N VAL B 22 -5.59 41.51 19.26
CA VAL B 22 -5.43 40.76 18.04
C VAL B 22 -3.97 40.68 17.68
N PRO B 23 -3.41 39.47 17.62
CA PRO B 23 -2.00 39.23 17.30
C PRO B 23 -1.64 39.75 15.90
N GLU B 24 -0.43 40.29 15.78
CA GLU B 24 0.01 40.82 14.50
C GLU B 24 1.03 39.91 13.85
N PRO B 25 0.97 39.76 12.53
CA PRO B 25 1.89 38.91 11.79
C PRO B 25 3.29 39.49 11.58
N GLY B 26 4.29 38.64 11.76
CA GLY B 26 5.65 39.06 11.57
C GLY B 26 6.19 38.61 10.22
N PRO B 27 7.47 38.85 9.94
CA PRO B 27 8.08 38.44 8.67
C PRO B 27 7.88 36.95 8.43
N LYS B 28 7.48 36.57 7.21
CA LYS B 28 7.27 35.17 6.88
C LYS B 28 6.10 34.53 7.65
N GLU B 29 5.36 35.36 8.37
CA GLU B 29 4.22 34.86 9.13
C GLU B 29 2.88 35.27 8.52
N VAL B 30 1.79 34.68 9.00
CA VAL B 30 0.44 34.96 8.50
C VAL B 30 -0.61 34.96 9.60
N ARG B 31 -1.52 35.93 9.55
CA ARG B 31 -2.61 36.01 10.53
C ARG B 31 -3.83 35.39 9.88
N VAL B 32 -4.47 34.47 10.60
CA VAL B 32 -5.65 33.79 10.08
C VAL B 32 -6.88 34.18 10.89
N ARG B 33 -8.01 34.38 10.21
CA ARG B 33 -9.25 34.70 10.91
C ARG B 33 -9.91 33.32 11.01
N LEU B 34 -9.91 32.75 12.21
CA LEU B 34 -10.47 31.41 12.42
C LEU B 34 -11.97 31.35 12.21
N LYS B 35 -12.41 30.25 11.59
CA LYS B 35 -13.83 30.01 11.33
C LYS B 35 -14.24 28.78 12.12
N ALA B 36 -13.27 27.91 12.39
CA ALA B 36 -13.52 26.69 13.15
C ALA B 36 -12.24 26.21 13.84
N ALA B 37 -12.40 25.58 14.99
CA ALA B 37 -11.26 25.04 15.75
C ALA B 37 -11.68 23.68 16.27
N ALA B 38 -10.81 22.68 16.07
CA ALA B 38 -11.11 21.33 16.52
C ALA B 38 -10.46 21.03 17.86
N LEU B 39 -11.18 20.31 18.70
CA LEU B 39 -10.69 19.93 20.01
C LEU B 39 -9.78 18.72 19.89
N ASN B 40 -8.74 18.67 20.71
CA ASN B 40 -7.82 17.57 20.70
C ASN B 40 -7.51 17.17 22.14
N HIS B 41 -7.12 15.92 22.33
CA HIS B 41 -6.80 15.42 23.65
C HIS B 41 -5.70 16.25 24.28
N LEU B 42 -4.77 16.70 23.46
CA LEU B 42 -3.69 17.55 23.94
C LEU B 42 -4.28 18.70 24.75
N ASP B 43 -5.41 19.24 24.28
CA ASP B 43 -6.09 20.34 24.93
C ASP B 43 -6.42 20.05 26.40
N VAL B 44 -7.11 18.94 26.64
CA VAL B 44 -7.49 18.57 27.99
C VAL B 44 -6.27 18.36 28.88
N TRP B 45 -5.20 17.79 28.32
CA TRP B 45 -3.97 17.54 29.06
C TRP B 45 -3.42 18.85 29.63
N VAL B 46 -3.21 19.82 28.75
CA VAL B 46 -2.68 21.12 29.15
C VAL B 46 -3.66 21.84 30.08
N ARG B 47 -4.95 21.67 29.81
CA ARG B 47 -5.97 22.31 30.63
C ARG B 47 -5.91 21.86 32.09
N LYS B 48 -5.57 20.59 32.29
CA LYS B 48 -5.46 20.04 33.64
C LYS B 48 -4.12 20.41 34.27
N GLY B 49 -3.11 20.57 33.44
CA GLY B 49 -1.79 20.93 33.96
C GLY B 49 -0.83 19.75 33.93
N VAL B 50 -1.26 18.66 33.29
CA VAL B 50 -0.45 17.46 33.18
C VAL B 50 0.54 17.63 32.04
N ALA B 51 0.31 18.66 31.24
CA ALA B 51 1.19 18.94 30.11
C ALA B 51 1.49 20.41 30.03
N SER B 52 2.73 20.71 29.66
CA SER B 52 3.20 22.07 29.52
C SER B 52 3.06 22.90 30.80
N PRO B 53 3.67 22.43 31.90
CA PRO B 53 3.60 23.17 33.17
C PRO B 53 4.40 24.46 33.05
N LYS B 54 4.22 25.37 34.01
CA LYS B 54 4.95 26.63 33.99
C LYS B 54 4.67 27.36 32.68
N LEU B 55 3.46 27.16 32.17
CA LEU B 55 3.02 27.80 30.92
C LEU B 55 2.39 29.14 31.29
N PRO B 56 2.63 30.18 30.48
CA PRO B 56 2.05 31.49 30.77
C PRO B 56 0.52 31.55 30.70
N LEU B 57 -0.10 31.98 31.80
CA LEU B 57 -1.54 32.09 31.86
C LEU B 57 -1.93 33.56 31.83
N PRO B 58 -3.08 33.89 31.22
CA PRO B 58 -4.02 32.95 30.62
C PRO B 58 -3.47 32.35 29.33
N HIS B 59 -3.94 31.15 29.02
CA HIS B 59 -3.50 30.45 27.83
C HIS B 59 -4.66 30.15 26.87
N VAL B 60 -4.39 30.26 25.58
CA VAL B 60 -5.37 29.98 24.54
C VAL B 60 -5.07 28.59 23.96
N LEU B 61 -5.95 27.63 24.22
CA LEU B 61 -5.78 26.25 23.73
C LEU B 61 -6.19 26.14 22.25
N GLY B 62 -5.90 24.99 21.64
CA GLY B 62 -6.29 24.80 20.26
C GLY B 62 -5.19 24.50 19.25
N ALA B 63 -5.11 23.25 18.80
CA ALA B 63 -4.10 22.91 17.82
C ALA B 63 -4.71 22.83 16.42
N ASP B 64 -5.95 22.40 16.31
CA ASP B 64 -6.58 22.30 14.99
C ASP B 64 -7.41 23.54 14.66
N GLY B 65 -7.21 24.09 13.48
CA GLY B 65 -7.98 25.25 13.09
C GLY B 65 -8.06 25.47 11.60
N SER B 66 -9.13 26.12 11.17
CA SER B 66 -9.31 26.44 9.75
C SER B 66 -9.95 27.81 9.63
N GLY B 67 -9.77 28.45 8.48
CA GLY B 67 -10.35 29.76 8.30
C GLY B 67 -9.87 30.52 7.08
N VAL B 68 -9.85 31.84 7.21
CA VAL B 68 -9.44 32.72 6.10
C VAL B 68 -8.23 33.59 6.46
N VAL B 69 -7.32 33.70 5.50
CA VAL B 69 -6.12 34.50 5.68
C VAL B 69 -6.53 35.95 5.90
N ASP B 70 -6.21 36.47 7.07
CA ASP B 70 -6.56 37.84 7.37
C ASP B 70 -5.50 38.80 6.86
N ALA B 71 -4.24 38.55 7.21
CA ALA B 71 -3.14 39.41 6.77
C ALA B 71 -1.80 38.68 6.78
N VAL B 72 -0.90 39.09 5.89
CA VAL B 72 0.42 38.47 5.82
C VAL B 72 1.47 39.46 6.26
N GLY B 73 2.53 38.94 6.87
CA GLY B 73 3.60 39.81 7.32
C GLY B 73 4.50 40.18 6.15
N PRO B 74 5.55 40.94 6.41
CA PRO B 74 6.46 41.34 5.34
C PRO B 74 7.30 40.17 4.83
N GLY B 75 7.31 39.99 3.50
CA GLY B 75 8.09 38.92 2.90
C GLY B 75 7.37 37.59 2.76
N VAL B 76 6.04 37.63 2.85
CA VAL B 76 5.23 36.43 2.75
C VAL B 76 4.93 36.11 1.29
N GLU B 77 4.96 34.83 0.94
CA GLU B 77 4.67 34.40 -0.41
C GLU B 77 3.82 33.14 -0.40
N GLY B 78 2.79 33.12 -1.22
CA GLY B 78 1.90 31.96 -1.31
C GLY B 78 0.54 32.15 -0.70
N PHE B 79 0.35 33.21 0.06
CA PHE B 79 -0.92 33.47 0.71
C PHE B 79 -1.34 34.92 0.62
N ALA B 80 -2.65 35.13 0.60
CA ALA B 80 -3.21 36.47 0.52
C ALA B 80 -4.53 36.47 1.27
N PRO B 81 -5.02 37.66 1.64
CA PRO B 81 -6.29 37.73 2.35
C PRO B 81 -7.43 37.16 1.51
N GLY B 82 -8.35 36.45 2.17
CA GLY B 82 -9.47 35.86 1.47
C GLY B 82 -9.25 34.38 1.17
N ASP B 83 -8.00 33.93 1.29
CA ASP B 83 -7.64 32.55 1.03
C ASP B 83 -8.08 31.60 2.14
N GLU B 84 -8.81 30.55 1.78
CA GLU B 84 -9.28 29.58 2.75
C GLU B 84 -8.14 28.61 3.02
N VAL B 85 -7.89 28.34 4.30
CA VAL B 85 -6.79 27.47 4.72
C VAL B 85 -7.08 26.68 6.00
N VAL B 86 -6.25 25.67 6.25
CA VAL B 86 -6.34 24.87 7.47
C VAL B 86 -4.95 24.91 8.04
N ILE B 87 -4.86 24.89 9.36
CA ILE B 87 -3.59 24.92 10.06
C ILE B 87 -2.92 23.56 10.13
N ASN B 88 -1.58 23.58 10.09
CA ASN B 88 -0.70 22.41 10.18
C ASN B 88 -0.04 22.72 11.53
N PRO B 89 -0.57 22.14 12.63
CA PRO B 89 -0.13 22.31 14.02
C PRO B 89 1.33 22.07 14.40
N GLY B 90 2.15 21.59 13.46
CA GLY B 90 3.55 21.35 13.78
C GLY B 90 4.47 22.53 13.62
N LEU B 91 4.87 23.13 14.73
CA LEU B 91 5.79 24.26 14.71
C LEU B 91 7.22 23.78 14.98
N SER B 92 8.09 23.91 13.98
CA SER B 92 9.50 23.49 14.11
C SER B 92 10.42 24.63 13.65
N CYS B 93 11.70 24.57 14.01
CA CYS B 93 12.64 25.63 13.65
C CYS B 93 12.97 25.66 12.16
N GLY B 94 13.06 24.49 11.53
CA GLY B 94 13.37 24.42 10.12
C GLY B 94 14.85 24.55 9.77
N ARG B 95 15.71 24.37 10.77
CA ARG B 95 17.16 24.47 10.57
C ARG B 95 17.92 23.25 11.09
N CYS B 96 17.40 22.61 12.14
CA CYS B 96 18.06 21.45 12.72
C CYS B 96 18.06 20.29 11.75
N GLU B 97 18.94 19.32 12.01
CA GLU B 97 19.06 18.15 11.16
C GLU B 97 17.73 17.42 10.95
N ARG B 98 16.93 17.37 12.00
CA ARG B 98 15.64 16.69 11.95
C ARG B 98 14.67 17.39 10.97
N CYS B 99 14.56 18.71 11.09
CA CYS B 99 13.67 19.46 10.22
C CYS B 99 14.09 19.34 8.76
N LEU B 100 15.36 19.59 8.46
CA LEU B 100 15.86 19.50 7.10
C LEU B 100 15.77 18.09 6.54
N ALA B 101 15.47 17.13 7.41
CA ALA B 101 15.35 15.73 7.01
C ALA B 101 13.88 15.36 6.83
N GLY B 102 13.00 16.34 7.06
CA GLY B 102 11.59 16.10 6.92
C GLY B 102 10.99 15.53 8.18
N GLU B 103 11.76 15.53 9.26
CA GLU B 103 11.31 15.01 10.54
C GLU B 103 11.14 16.15 11.54
N ASP B 104 10.29 17.12 11.20
CA ASP B 104 10.08 18.26 12.08
C ASP B 104 9.43 17.86 13.40
N ASN B 105 8.67 16.77 13.42
CA ASN B 105 8.02 16.33 14.65
C ASN B 105 9.05 15.76 15.65
N LEU B 106 10.30 15.62 15.20
CA LEU B 106 11.39 15.14 16.05
C LEU B 106 12.36 16.29 16.38
N CYS B 107 12.01 17.49 15.95
CA CYS B 107 12.82 18.67 16.21
C CYS B 107 12.86 18.93 17.71
N PRO B 108 14.01 19.35 18.24
CA PRO B 108 14.15 19.63 19.66
C PRO B 108 13.37 20.87 20.10
N ARG B 109 12.90 21.64 19.11
CA ARG B 109 12.12 22.85 19.39
C ARG B 109 10.66 22.68 18.93
N TYR B 110 10.28 21.43 18.68
CA TYR B 110 8.92 21.10 18.22
C TYR B 110 7.86 21.57 19.21
N GLN B 111 6.87 22.28 18.70
CA GLN B 111 5.78 22.75 19.54
C GLN B 111 4.47 22.66 18.81
N ILE B 112 3.47 22.09 19.47
CA ILE B 112 2.15 21.97 18.91
C ILE B 112 1.35 23.21 19.33
N LEU B 113 0.62 23.78 18.39
CA LEU B 113 -0.20 24.95 18.67
C LEU B 113 -1.11 24.71 19.86
N GLY B 114 -1.30 25.74 20.69
CA GLY B 114 -2.15 25.60 21.85
C GLY B 114 -1.50 24.83 22.99
N GLU B 115 -0.28 24.37 22.75
CA GLU B 115 0.43 23.64 23.78
C GLU B 115 1.41 24.51 24.53
N HIS B 116 2.11 25.38 23.81
CA HIS B 116 3.11 26.26 24.40
C HIS B 116 2.76 27.74 24.18
N ARG B 117 2.10 28.02 23.07
CA ARG B 117 1.68 29.38 22.72
C ARG B 117 0.18 29.37 22.45
N HIS B 118 -0.42 30.55 22.32
CA HIS B 118 -1.85 30.66 22.07
C HIS B 118 -2.32 29.93 20.83
N GLY B 119 -3.39 29.16 20.98
CA GLY B 119 -3.90 28.37 19.87
C GLY B 119 -5.08 28.87 19.07
N THR B 120 -5.92 27.91 18.66
CA THR B 120 -7.08 28.20 17.83
C THR B 120 -8.42 28.52 18.50
N TYR B 121 -8.45 28.61 19.83
CA TYR B 121 -9.68 28.93 20.55
C TYR B 121 -9.93 30.44 20.53
N ALA B 122 -9.66 31.07 19.41
CA ALA B 122 -9.86 32.51 19.26
C ALA B 122 -10.32 32.81 17.84
N GLU B 123 -10.70 34.06 17.62
CA GLU B 123 -11.15 34.52 16.32
C GLU B 123 -9.97 34.76 15.37
N TYR B 124 -8.79 34.93 15.94
CA TYR B 124 -7.57 35.15 15.17
C TYR B 124 -6.37 34.39 15.74
N VAL B 125 -5.41 34.11 14.86
CA VAL B 125 -4.19 33.41 15.26
C VAL B 125 -3.14 33.69 14.19
N VAL B 126 -1.87 33.77 14.60
CA VAL B 126 -0.77 34.04 13.68
C VAL B 126 0.17 32.84 13.66
N LEU B 127 0.72 32.53 12.49
CA LEU B 127 1.64 31.43 12.40
C LEU B 127 2.49 31.51 11.14
N PRO B 128 3.61 30.77 11.09
CA PRO B 128 4.48 30.78 9.91
C PRO B 128 3.82 30.23 8.65
N GLU B 129 3.96 30.95 7.54
CA GLU B 129 3.37 30.53 6.28
C GLU B 129 3.57 29.06 6.01
N ALA B 130 4.68 28.51 6.50
CA ALA B 130 4.98 27.12 6.28
C ALA B 130 4.00 26.19 7.00
N ASN B 131 3.25 26.74 7.94
CA ASN B 131 2.29 25.96 8.73
C ASN B 131 0.85 26.11 8.23
N LEU B 132 0.71 26.67 7.03
CA LEU B 132 -0.61 26.91 6.46
C LEU B 132 -0.78 26.11 5.19
N ALA B 133 -1.96 25.53 5.02
CA ALA B 133 -2.27 24.73 3.82
C ALA B 133 -3.65 25.05 3.28
N PRO B 134 -3.81 25.04 1.95
CA PRO B 134 -5.10 25.35 1.35
C PRO B 134 -6.18 24.31 1.71
N LYS B 135 -7.30 24.84 2.17
CA LYS B 135 -8.49 24.08 2.54
C LYS B 135 -9.19 23.57 1.30
N PRO B 136 -9.51 22.27 1.26
CA PRO B 136 -10.21 21.76 0.07
C PRO B 136 -11.59 22.43 -0.10
N LYS B 137 -12.00 22.68 -1.35
CA LYS B 137 -13.28 23.36 -1.60
C LYS B 137 -14.54 22.58 -1.27
N ASN B 138 -14.45 21.25 -1.36
CA ASN B 138 -15.60 20.40 -1.10
C ASN B 138 -15.84 20.15 0.41
N LEU B 139 -15.22 20.95 1.27
CA LEU B 139 -15.39 20.78 2.70
C LEU B 139 -15.84 22.06 3.37
N SER B 140 -16.56 21.91 4.49
CA SER B 140 -17.00 23.06 5.27
C SER B 140 -15.83 23.40 6.20
N PHE B 141 -15.83 24.60 6.76
CA PHE B 141 -14.76 24.99 7.66
C PHE B 141 -14.61 24.05 8.85
N GLU B 142 -15.74 23.66 9.42
CA GLU B 142 -15.74 22.74 10.55
C GLU B 142 -15.02 21.44 10.11
N GLU B 143 -15.51 20.81 9.05
CA GLU B 143 -14.91 19.58 8.53
C GLU B 143 -13.40 19.75 8.28
N ALA B 144 -13.00 20.87 7.67
CA ALA B 144 -11.58 21.10 7.39
C ALA B 144 -10.75 21.05 8.67
N ALA B 145 -11.20 21.80 9.68
CA ALA B 145 -10.51 21.89 10.97
C ALA B 145 -10.27 20.57 11.68
N ALA B 146 -11.18 19.62 11.50
CA ALA B 146 -11.05 18.33 12.15
C ALA B 146 -10.03 17.40 11.49
N ILE B 147 -9.40 17.83 10.42
CA ILE B 147 -8.48 16.92 9.76
C ILE B 147 -7.04 16.77 10.25
N PRO B 148 -6.23 17.84 10.13
CA PRO B 148 -4.80 17.90 10.50
C PRO B 148 -4.21 17.03 11.62
N LEU B 149 -4.38 17.45 12.88
CA LEU B 149 -3.79 16.73 14.02
C LEU B 149 -4.01 15.22 14.03
N THR B 150 -5.26 14.77 14.01
CA THR B 150 -5.54 13.33 14.05
C THR B 150 -5.14 12.59 12.79
N PHE B 151 -5.35 13.18 11.63
CA PHE B 151 -4.97 12.51 10.41
C PHE B 151 -3.46 12.41 10.31
N LEU B 152 -2.77 13.47 10.70
CA LEU B 152 -1.31 13.46 10.68
C LEU B 152 -0.80 12.29 11.55
N THR B 153 -1.30 12.24 12.79
CA THR B 153 -0.93 11.24 13.78
C THR B 153 -1.24 9.82 13.33
N ALA B 154 -2.40 9.65 12.71
CA ALA B 154 -2.81 8.34 12.24
C ALA B 154 -2.03 7.94 10.98
N TRP B 155 -1.54 8.94 10.25
CA TRP B 155 -0.78 8.68 9.06
C TRP B 155 0.60 8.14 9.43
N GLN B 156 1.30 8.79 10.37
CA GLN B 156 2.62 8.31 10.77
C GLN B 156 2.51 6.89 11.30
N MET B 157 1.54 6.67 12.17
CA MET B 157 1.32 5.35 12.76
C MET B 157 1.06 4.27 11.72
N VAL B 158 0.04 4.48 10.89
CA VAL B 158 -0.34 3.49 9.88
C VAL B 158 0.62 3.28 8.73
N VAL B 159 1.12 4.37 8.15
CA VAL B 159 2.00 4.31 7.00
C VAL B 159 3.49 4.16 7.28
N ASP B 160 4.01 5.06 8.11
CA ASP B 160 5.42 5.10 8.48
C ASP B 160 5.83 4.11 9.60
N LYS B 161 5.05 4.02 10.67
CA LYS B 161 5.39 3.12 11.77
C LYS B 161 4.94 1.67 11.61
N LEU B 162 3.71 1.46 11.17
CA LEU B 162 3.22 0.11 11.00
C LEU B 162 3.50 -0.42 9.60
N GLY B 163 3.84 0.48 8.68
CA GLY B 163 4.13 0.05 7.32
C GLY B 163 3.02 -0.83 6.78
N VAL B 164 1.77 -0.41 7.01
CA VAL B 164 0.62 -1.16 6.56
C VAL B 164 0.62 -1.30 5.04
N ARG B 165 0.17 -2.47 4.57
CA ARG B 165 0.09 -2.77 3.14
C ARG B 165 -1.07 -3.70 2.85
N PRO B 166 -1.47 -3.82 1.58
CA PRO B 166 -2.58 -4.72 1.29
C PRO B 166 -2.30 -6.14 1.78
N GLY B 167 -3.32 -6.79 2.33
CA GLY B 167 -3.15 -8.12 2.85
C GLY B 167 -3.08 -8.09 4.38
N ASP B 168 -2.59 -6.98 4.94
CA ASP B 168 -2.48 -6.86 6.39
C ASP B 168 -3.79 -6.81 7.17
N ASP B 169 -3.80 -7.46 8.32
CA ASP B 169 -4.93 -7.42 9.21
C ASP B 169 -4.57 -6.34 10.23
N VAL B 170 -5.25 -5.20 10.15
CA VAL B 170 -5.02 -4.06 11.04
C VAL B 170 -6.09 -4.03 12.13
N LEU B 171 -5.65 -3.93 13.37
CA LEU B 171 -6.55 -3.86 14.52
C LEU B 171 -6.51 -2.43 15.01
N VAL B 172 -7.68 -1.79 15.03
CA VAL B 172 -7.78 -0.42 15.50
C VAL B 172 -8.58 -0.40 16.77
N MET B 173 -7.91 -0.05 17.86
CA MET B 173 -8.50 0.00 19.18
C MET B 173 -9.32 1.27 19.44
N ALA B 174 -10.39 1.09 20.21
CA ALA B 174 -11.28 2.17 20.57
C ALA B 174 -11.68 3.03 19.38
N ALA B 175 -12.50 2.48 18.49
CA ALA B 175 -12.98 3.22 17.32
C ALA B 175 -13.83 4.32 17.93
N GLY B 176 -13.65 5.55 17.48
CA GLY B 176 -14.44 6.61 18.05
C GLY B 176 -13.58 7.81 18.35
N SER B 177 -12.38 7.56 18.85
CA SER B 177 -11.45 8.65 19.15
C SER B 177 -11.00 9.23 17.82
N GLY B 178 -10.64 10.51 17.84
CA GLY B 178 -10.18 11.18 16.64
C GLY B 178 -9.16 10.38 15.88
N VAL B 179 -8.12 9.90 16.55
CA VAL B 179 -7.08 9.13 15.86
C VAL B 179 -7.65 7.87 15.20
N SER B 180 -8.45 7.12 15.95
CA SER B 180 -9.06 5.90 15.42
C SER B 180 -9.77 6.08 14.08
N VAL B 181 -10.78 6.95 14.04
CA VAL B 181 -11.55 7.15 12.82
C VAL B 181 -10.70 7.45 11.60
N ALA B 182 -9.61 8.17 11.78
CA ALA B 182 -8.73 8.49 10.65
C ALA B 182 -7.87 7.24 10.35
N ALA B 183 -7.39 6.57 11.40
CA ALA B 183 -6.58 5.37 11.20
C ALA B 183 -7.31 4.27 10.43
N ILE B 184 -8.61 4.16 10.67
CA ILE B 184 -9.40 3.15 9.98
C ILE B 184 -9.43 3.42 8.47
N GLN B 185 -9.65 4.68 8.11
CA GLN B 185 -9.69 5.12 6.71
C GLN B 185 -8.36 5.03 5.98
N ILE B 186 -7.31 5.52 6.63
CA ILE B 186 -6.00 5.48 6.03
C ILE B 186 -5.56 4.02 5.85
N ALA B 187 -5.83 3.20 6.85
CA ALA B 187 -5.47 1.78 6.77
C ALA B 187 -6.23 1.11 5.63
N LYS B 188 -7.51 1.44 5.43
CA LYS B 188 -8.24 0.83 4.32
C LYS B 188 -7.57 1.24 3.02
N LEU B 189 -7.25 2.53 2.93
CA LEU B 189 -6.60 3.12 1.75
C LEU B 189 -5.36 2.33 1.35
N PHE B 190 -4.65 1.76 2.31
CA PHE B 190 -3.44 0.99 1.99
C PHE B 190 -3.69 -0.50 1.80
N GLY B 191 -4.93 -0.86 1.52
CA GLY B 191 -5.28 -2.24 1.27
C GLY B 191 -5.46 -3.15 2.46
N ALA B 192 -5.56 -2.59 3.66
CA ALA B 192 -5.71 -3.44 4.84
C ALA B 192 -7.11 -3.95 5.05
N ARG B 193 -7.21 -4.95 5.90
CA ARG B 193 -8.49 -5.49 6.26
C ARG B 193 -8.53 -5.00 7.71
N VAL B 194 -9.43 -4.08 7.98
CA VAL B 194 -9.50 -3.50 9.30
C VAL B 194 -10.47 -4.13 10.28
N ILE B 195 -9.98 -4.39 11.49
CA ILE B 195 -10.80 -4.92 12.56
C ILE B 195 -10.83 -3.81 13.60
N ALA B 196 -12.01 -3.28 13.89
CA ALA B 196 -12.10 -2.21 14.87
C ALA B 196 -12.79 -2.68 16.15
N THR B 197 -12.27 -2.22 17.29
CA THR B 197 -12.83 -2.55 18.59
C THR B 197 -13.42 -1.29 19.24
N ALA B 198 -14.44 -1.48 20.06
CA ALA B 198 -15.11 -0.39 20.76
C ALA B 198 -15.91 -0.98 21.94
N GLY B 199 -16.39 -0.10 22.82
CA GLY B 199 -17.14 -0.57 23.98
C GLY B 199 -18.65 -0.60 23.85
N SER B 200 -19.18 -0.13 22.73
CA SER B 200 -20.62 -0.12 22.52
C SER B 200 -20.95 -0.46 21.08
N GLU B 201 -22.01 -1.22 20.88
CA GLU B 201 -22.42 -1.63 19.55
C GLU B 201 -22.64 -0.42 18.63
N ASP B 202 -23.03 0.71 19.24
CA ASP B 202 -23.26 1.93 18.48
C ASP B 202 -21.97 2.45 17.82
N LYS B 203 -20.87 2.44 18.54
CA LYS B 203 -19.61 2.90 17.94
C LYS B 203 -19.14 1.87 16.91
N LEU B 204 -19.40 0.60 17.17
CA LEU B 204 -19.00 -0.43 16.21
C LEU B 204 -19.77 -0.23 14.90
N ARG B 205 -21.04 0.14 15.05
CA ARG B 205 -21.93 0.40 13.93
C ARG B 205 -21.34 1.49 13.05
N ARG B 206 -20.81 2.53 13.69
CA ARG B 206 -20.20 3.65 12.99
C ARG B 206 -18.85 3.31 12.39
N ALA B 207 -18.11 2.43 13.05
CA ALA B 207 -16.80 2.02 12.56
C ALA B 207 -17.00 1.20 11.28
N LYS B 208 -18.09 0.44 11.25
CA LYS B 208 -18.43 -0.37 10.10
C LYS B 208 -18.75 0.54 8.91
N ALA B 209 -19.49 1.61 9.16
CA ALA B 209 -19.89 2.55 8.13
C ALA B 209 -18.71 3.35 7.64
N LEU B 210 -17.72 3.45 8.49
CA LEU B 210 -16.53 4.21 8.17
C LEU B 210 -15.60 3.40 7.28
N GLY B 211 -15.78 2.08 7.27
CA GLY B 211 -14.95 1.24 6.42
C GLY B 211 -14.40 -0.02 7.07
N ALA B 212 -14.60 -0.15 8.39
CA ALA B 212 -14.09 -1.33 9.09
C ALA B 212 -14.72 -2.59 8.51
N ASP B 213 -13.90 -3.60 8.29
CA ASP B 213 -14.33 -4.87 7.72
C ASP B 213 -14.99 -5.75 8.77
N GLU B 214 -14.43 -5.73 9.97
CA GLU B 214 -14.94 -6.53 11.06
C GLU B 214 -14.93 -5.69 12.33
N THR B 215 -15.81 -6.00 13.29
CA THR B 215 -15.86 -5.24 14.54
C THR B 215 -15.94 -6.14 15.77
N VAL B 216 -15.33 -5.69 16.86
CA VAL B 216 -15.34 -6.46 18.09
C VAL B 216 -15.60 -5.57 19.30
N ASN B 217 -16.51 -6.01 20.17
CA ASN B 217 -16.83 -5.24 21.35
C ASN B 217 -15.93 -5.71 22.49
N TYR B 218 -15.05 -4.83 22.98
CA TYR B 218 -14.16 -5.24 24.06
C TYR B 218 -14.77 -5.18 25.44
N THR B 219 -16.09 -5.00 25.52
CA THR B 219 -16.76 -4.99 26.81
C THR B 219 -16.58 -6.40 27.36
N HIS B 220 -16.71 -7.39 26.48
CA HIS B 220 -16.53 -8.78 26.87
C HIS B 220 -15.05 -9.08 27.03
N PRO B 221 -14.60 -9.42 28.25
CA PRO B 221 -13.18 -9.72 28.52
C PRO B 221 -12.61 -10.92 27.77
N ASP B 222 -13.17 -11.21 26.61
CA ASP B 222 -12.71 -12.33 25.82
C ASP B 222 -12.51 -11.92 24.38
N TRP B 223 -12.67 -10.62 24.12
CA TRP B 223 -12.54 -10.09 22.77
C TRP B 223 -11.26 -10.50 22.00
N PRO B 224 -10.11 -10.65 22.70
CA PRO B 224 -8.90 -11.04 21.99
C PRO B 224 -9.09 -12.33 21.20
N LYS B 225 -9.83 -13.27 21.78
CA LYS B 225 -10.08 -14.52 21.07
C LYS B 225 -10.88 -14.26 19.80
N GLU B 226 -11.85 -13.34 19.89
CA GLU B 226 -12.67 -13.00 18.76
C GLU B 226 -11.78 -12.42 17.65
N VAL B 227 -10.89 -11.51 18.03
CA VAL B 227 -9.98 -10.92 17.06
C VAL B 227 -9.13 -12.02 16.42
N ARG B 228 -8.72 -13.00 17.21
CA ARG B 228 -7.92 -14.11 16.69
C ARG B 228 -8.77 -14.90 15.72
N ARG B 229 -10.02 -15.15 16.10
CA ARG B 229 -10.93 -15.92 15.24
C ARG B 229 -11.11 -15.24 13.89
N LEU B 230 -11.34 -13.93 13.93
CA LEU B 230 -11.53 -13.15 12.71
C LEU B 230 -10.31 -13.06 11.81
N THR B 231 -9.17 -13.45 12.34
CA THR B 231 -7.93 -13.41 11.57
C THR B 231 -7.30 -14.78 11.40
N GLY B 232 -8.15 -15.79 11.17
CA GLY B 232 -7.69 -17.14 10.98
C GLY B 232 -6.90 -17.74 12.12
N GLY B 233 -7.06 -17.16 13.30
CA GLY B 233 -6.36 -17.64 14.48
C GLY B 233 -4.94 -17.09 14.62
N LYS B 234 -4.45 -16.30 13.67
CA LYS B 234 -3.10 -15.78 13.79
C LYS B 234 -3.01 -14.43 14.49
N GLY B 235 -4.14 -13.77 14.65
CA GLY B 235 -4.13 -12.46 15.31
C GLY B 235 -3.85 -11.35 14.32
N ALA B 236 -3.92 -10.11 14.79
CA ALA B 236 -3.66 -8.94 13.95
C ALA B 236 -2.17 -8.75 13.66
N ASP B 237 -1.87 -8.34 12.44
CA ASP B 237 -0.49 -8.10 12.04
C ASP B 237 0.01 -6.76 12.51
N LYS B 238 -0.85 -5.75 12.36
CA LYS B 238 -0.52 -4.39 12.74
C LYS B 238 -1.64 -3.89 13.65
N VAL B 239 -1.29 -3.12 14.67
CA VAL B 239 -2.29 -2.60 15.59
C VAL B 239 -2.15 -1.10 15.81
N VAL B 240 -3.26 -0.39 15.74
CA VAL B 240 -3.27 1.04 15.99
C VAL B 240 -3.94 1.21 17.36
N ASP B 241 -3.16 1.69 18.33
CA ASP B 241 -3.64 1.89 19.67
C ASP B 241 -3.35 3.35 20.01
N HIS B 242 -4.38 4.18 20.00
CA HIS B 242 -4.18 5.60 20.29
C HIS B 242 -4.00 5.86 21.78
N THR B 243 -3.76 4.83 22.56
CA THR B 243 -3.57 5.02 24.00
C THR B 243 -2.66 4.01 24.67
N GLY B 244 -3.00 2.72 24.52
CA GLY B 244 -2.19 1.68 25.14
C GLY B 244 -2.68 1.42 26.56
N ALA B 245 -3.49 2.35 27.07
CA ALA B 245 -4.04 2.25 28.42
C ALA B 245 -5.40 1.55 28.45
N LEU B 246 -5.71 0.79 27.40
CA LEU B 246 -6.97 0.07 27.32
C LEU B 246 -6.74 -1.41 27.00
N TYR B 247 -6.93 -2.26 28.01
CA TYR B 247 -6.77 -3.70 27.86
C TYR B 247 -5.56 -4.06 27.01
N PHE B 248 -4.41 -3.46 27.33
CA PHE B 248 -3.20 -3.73 26.57
C PHE B 248 -2.78 -5.19 26.69
N GLU B 249 -3.22 -5.84 27.77
CA GLU B 249 -2.92 -7.24 27.98
C GLU B 249 -3.59 -8.01 26.86
N GLY B 250 -4.82 -7.62 26.52
CA GLY B 250 -5.56 -8.28 25.46
C GLY B 250 -5.00 -7.93 24.09
N VAL B 251 -4.68 -6.67 23.89
CA VAL B 251 -4.13 -6.21 22.62
C VAL B 251 -3.02 -7.15 22.20
N ILE B 252 -2.02 -7.35 23.07
CA ILE B 252 -0.91 -8.24 22.71
C ILE B 252 -1.37 -9.68 22.47
N LYS B 253 -2.47 -10.08 23.09
CA LYS B 253 -2.97 -11.45 22.88
C LYS B 253 -3.66 -11.52 21.52
N ALA B 254 -4.12 -10.38 21.04
CA ALA B 254 -4.80 -10.29 19.75
C ALA B 254 -3.80 -10.07 18.63
N THR B 255 -2.56 -9.74 18.99
CA THR B 255 -1.51 -9.49 18.02
C THR B 255 -0.72 -10.71 17.59
N ALA B 256 -0.56 -10.87 16.28
CA ALA B 256 0.17 -11.99 15.71
C ALA B 256 1.64 -11.90 16.04
N ASN B 257 2.27 -13.07 16.14
CA ASN B 257 3.68 -13.12 16.40
C ASN B 257 4.38 -12.25 15.37
N GLY B 258 5.39 -11.53 15.82
CA GLY B 258 6.13 -10.66 14.93
C GLY B 258 5.33 -9.41 14.61
N GLY B 259 4.14 -9.31 15.21
CA GLY B 259 3.27 -8.17 14.94
C GLY B 259 3.81 -6.82 15.38
N ARG B 260 3.23 -5.77 14.84
CA ARG B 260 3.61 -4.42 15.19
C ARG B 260 2.40 -3.73 15.81
N ILE B 261 2.70 -2.93 16.85
CA ILE B 261 1.70 -2.18 17.60
C ILE B 261 2.18 -0.76 17.74
N ALA B 262 1.40 0.18 17.23
CA ALA B 262 1.74 1.59 17.28
C ALA B 262 0.90 2.26 18.36
N ILE B 263 1.55 3.04 19.20
CA ILE B 263 0.87 3.74 20.28
C ILE B 263 1.04 5.23 20.13
N ALA B 264 -0.08 5.92 20.01
CA ALA B 264 -0.08 7.37 19.84
C ALA B 264 0.38 8.03 21.13
N GLY B 265 1.50 8.75 21.02
CA GLY B 265 2.08 9.44 22.17
C GLY B 265 1.12 10.41 22.83
N ALA B 266 1.28 10.58 24.13
CA ALA B 266 0.42 11.48 24.89
C ALA B 266 1.13 11.95 26.16
N SER B 267 0.87 13.19 26.57
CA SER B 267 1.48 13.73 27.77
C SER B 267 0.49 13.56 28.91
N SER B 268 -0.11 12.38 28.98
CA SER B 268 -1.09 12.06 30.01
C SER B 268 -0.41 11.60 31.30
N GLY B 269 0.88 11.28 31.21
CA GLY B 269 1.61 10.84 32.38
C GLY B 269 1.08 9.51 32.91
N TYR B 270 0.26 8.84 32.10
CA TYR B 270 -0.31 7.55 32.46
C TYR B 270 0.77 6.50 32.70
N GLU B 271 0.87 6.02 33.94
CA GLU B 271 1.85 5.00 34.27
C GLU B 271 1.16 3.65 34.35
N GLY B 272 1.57 2.74 33.47
CA GLY B 272 0.98 1.42 33.46
C GLY B 272 2.05 0.35 33.52
N THR B 273 1.91 -0.66 32.67
CA THR B 273 2.85 -1.77 32.61
C THR B 273 2.85 -2.40 31.22
N LEU B 274 4.03 -2.81 30.74
CA LEU B 274 4.15 -3.43 29.42
C LEU B 274 4.78 -4.82 29.56
N PRO B 275 4.06 -5.85 29.12
CA PRO B 275 4.54 -7.24 29.20
C PRO B 275 5.84 -7.44 28.45
N PHE B 276 6.90 -7.77 29.19
CA PHE B 276 8.19 -7.98 28.59
C PHE B 276 8.34 -9.35 27.97
N ALA B 277 8.58 -10.32 28.83
CA ALA B 277 8.76 -11.70 28.43
C ALA B 277 7.96 -12.09 27.19
N HIS B 278 6.69 -12.42 27.41
CA HIS B 278 5.83 -12.84 26.32
C HIS B 278 5.39 -11.67 25.44
N VAL B 279 6.37 -10.99 24.87
CA VAL B 279 6.14 -9.86 23.98
C VAL B 279 7.35 -9.76 23.08
N PHE B 280 8.51 -9.81 23.69
CA PHE B 280 9.73 -9.73 22.92
C PHE B 280 10.08 -11.13 22.44
N TYR B 281 9.53 -12.13 23.11
CA TYR B 281 9.79 -13.50 22.72
C TYR B 281 8.99 -13.79 21.46
N ARG B 282 7.83 -13.13 21.34
CA ARG B 282 6.99 -13.31 20.16
C ARG B 282 7.40 -12.29 19.11
N GLN B 283 8.50 -11.61 19.38
CA GLN B 283 9.05 -10.62 18.48
C GLN B 283 8.09 -9.52 18.10
N LEU B 284 7.42 -8.97 19.10
CA LEU B 284 6.48 -7.89 18.89
C LEU B 284 7.22 -6.56 18.89
N SER B 285 6.71 -5.60 18.13
CA SER B 285 7.31 -4.27 18.07
C SER B 285 6.30 -3.29 18.65
N ILE B 286 6.74 -2.46 19.57
CA ILE B 286 5.85 -1.47 20.16
C ILE B 286 6.45 -0.12 19.83
N LEU B 287 5.78 0.62 18.96
CA LEU B 287 6.28 1.90 18.48
C LEU B 287 5.54 3.17 18.92
N GLY B 288 6.23 4.04 19.65
CA GLY B 288 5.61 5.28 20.09
C GLY B 288 5.54 6.18 18.87
N SER B 289 4.43 6.88 18.70
CA SER B 289 4.31 7.76 17.54
C SER B 289 3.59 9.03 17.95
N THR B 290 4.12 10.16 17.49
CA THR B 290 3.55 11.46 17.82
C THR B 290 3.55 12.37 16.59
N MET B 291 2.38 12.89 16.26
CA MET B 291 2.22 13.78 15.12
C MET B 291 2.86 13.16 13.90
N ALA B 292 3.41 13.99 13.01
CA ALA B 292 4.04 13.47 11.80
C ALA B 292 4.67 14.62 11.04
N SER B 293 5.47 14.27 10.05
CA SER B 293 6.12 15.29 9.23
C SER B 293 5.06 16.20 8.62
N LYS B 294 5.30 17.50 8.66
CA LYS B 294 4.37 18.45 8.08
C LYS B 294 4.10 18.15 6.62
N SER B 295 4.99 17.41 5.98
CA SER B 295 4.82 17.09 4.57
C SER B 295 3.65 16.15 4.36
N ARG B 296 3.26 15.44 5.40
CA ARG B 296 2.15 14.49 5.27
C ARG B 296 0.79 15.12 5.06
N LEU B 297 0.64 16.38 5.46
CA LEU B 297 -0.65 17.06 5.32
C LEU B 297 -1.09 17.24 3.86
N PHE B 298 -0.13 17.52 2.98
CA PHE B 298 -0.44 17.75 1.58
C PHE B 298 -1.10 16.54 0.91
N PRO B 299 -0.50 15.36 1.05
CA PRO B 299 -1.10 14.16 0.43
C PRO B 299 -2.39 13.77 1.15
N ILE B 300 -2.47 14.10 2.44
CA ILE B 300 -3.69 13.78 3.19
C ILE B 300 -4.88 14.59 2.70
N LEU B 301 -4.67 15.89 2.52
CA LEU B 301 -5.74 16.77 2.04
C LEU B 301 -6.15 16.37 0.62
N ARG B 302 -5.17 15.98 -0.18
CA ARG B 302 -5.43 15.58 -1.56
C ARG B 302 -6.41 14.40 -1.55
N PHE B 303 -6.11 13.39 -0.72
CA PHE B 303 -6.99 12.24 -0.61
C PHE B 303 -8.37 12.65 -0.10
N VAL B 304 -8.41 13.74 0.67
CA VAL B 304 -9.69 14.22 1.18
C VAL B 304 -10.45 14.93 0.09
N GLU B 305 -9.72 15.60 -0.78
CA GLU B 305 -10.35 16.31 -1.87
C GLU B 305 -10.85 15.27 -2.87
N GLU B 306 -10.11 14.18 -3.04
CA GLU B 306 -10.51 13.12 -3.96
C GLU B 306 -11.64 12.30 -3.36
N GLY B 307 -11.86 12.46 -2.06
CA GLY B 307 -12.92 11.72 -1.40
C GLY B 307 -12.50 10.37 -0.82
N LYS B 308 -11.23 10.02 -0.95
CA LYS B 308 -10.74 8.75 -0.43
C LYS B 308 -10.66 8.74 1.08
N LEU B 309 -10.63 9.94 1.66
CA LEU B 309 -10.58 10.08 3.13
C LEU B 309 -11.56 11.18 3.50
N LYS B 310 -12.25 11.00 4.60
CA LYS B 310 -13.19 12.02 5.05
C LYS B 310 -13.03 12.32 6.53
N PRO B 311 -13.29 13.56 6.90
CA PRO B 311 -13.18 13.99 8.29
C PRO B 311 -14.40 13.45 8.99
N VAL B 312 -14.30 13.25 10.30
CA VAL B 312 -15.45 12.74 11.01
C VAL B 312 -15.83 13.71 12.12
N VAL B 313 -16.75 14.62 11.81
CA VAL B 313 -17.21 15.60 12.77
C VAL B 313 -18.41 15.02 13.54
N GLY B 314 -18.16 14.58 14.76
CA GLY B 314 -19.23 14.01 15.56
C GLY B 314 -20.18 15.06 16.10
N GLN B 315 -19.62 16.20 16.48
CA GLN B 315 -20.41 17.30 17.03
C GLN B 315 -19.75 18.68 16.84
N VAL B 316 -20.58 19.71 16.78
CA VAL B 316 -20.09 21.08 16.70
C VAL B 316 -20.82 21.89 17.74
N LEU B 317 -20.08 22.77 18.39
CA LEU B 317 -20.62 23.64 19.41
C LEU B 317 -20.02 25.01 19.13
N PRO B 318 -20.62 26.06 19.70
CA PRO B 318 -20.09 27.40 19.48
C PRO B 318 -18.79 27.55 20.28
N LEU B 319 -17.85 28.34 19.77
CA LEU B 319 -16.58 28.54 20.46
C LEU B 319 -16.77 28.74 21.97
N GLU B 320 -17.73 29.57 22.35
CA GLU B 320 -17.97 29.85 23.77
C GLU B 320 -18.40 28.65 24.61
N ALA B 321 -18.80 27.55 23.97
CA ALA B 321 -19.19 26.37 24.73
C ALA B 321 -18.00 25.41 24.82
N ALA B 322 -16.79 25.96 24.71
CA ALA B 322 -15.57 25.15 24.79
C ALA B 322 -15.61 24.22 25.99
N ALA B 323 -16.08 24.74 27.11
CA ALA B 323 -16.17 23.93 28.32
C ALA B 323 -17.00 22.68 28.05
N GLU B 324 -18.18 22.88 27.50
CA GLU B 324 -19.07 21.78 27.18
C GLU B 324 -18.36 20.81 26.25
N GLY B 325 -17.58 21.36 25.32
CA GLY B 325 -16.84 20.51 24.39
C GLY B 325 -15.86 19.61 25.10
N HIS B 326 -15.16 20.14 26.10
CA HIS B 326 -14.20 19.35 26.85
C HIS B 326 -14.87 18.23 27.66
N ARG B 327 -16.06 18.50 28.18
CA ARG B 327 -16.79 17.48 28.93
C ARG B 327 -17.23 16.38 27.98
N LEU B 328 -17.45 16.73 26.71
CA LEU B 328 -17.86 15.71 25.74
C LEU B 328 -16.72 14.74 25.50
N LEU B 329 -15.49 15.25 25.56
CA LEU B 329 -14.31 14.42 25.37
C LEU B 329 -14.01 13.65 26.65
N GLU B 330 -13.99 14.35 27.77
CA GLU B 330 -13.71 13.70 29.04
C GLU B 330 -14.75 12.65 29.37
N GLU B 331 -15.94 12.78 28.81
CA GLU B 331 -16.98 11.78 29.07
C GLU B 331 -17.06 10.82 27.90
N ARG B 332 -16.14 10.98 26.95
CA ARG B 332 -16.11 10.14 25.76
C ARG B 332 -17.52 9.77 25.29
N ARG B 333 -18.21 10.75 24.73
CA ARG B 333 -19.58 10.55 24.26
C ARG B 333 -19.75 10.86 22.79
N VAL B 334 -18.66 11.09 22.07
CA VAL B 334 -18.84 11.39 20.68
C VAL B 334 -17.95 10.57 19.77
N PHE B 335 -18.54 10.06 18.70
CA PHE B 335 -17.77 9.28 17.76
C PHE B 335 -17.15 10.25 16.75
N GLY B 336 -15.84 10.40 16.83
CA GLY B 336 -15.17 11.30 15.92
C GLY B 336 -14.72 12.58 16.60
N LYS B 337 -14.62 13.64 15.81
CA LYS B 337 -14.14 14.92 16.33
C LYS B 337 -15.23 15.89 16.85
N VAL B 338 -14.80 16.76 17.76
CA VAL B 338 -15.65 17.78 18.34
C VAL B 338 -15.10 19.10 17.81
N VAL B 339 -15.95 19.88 17.15
CA VAL B 339 -15.50 21.13 16.57
C VAL B 339 -16.23 22.37 17.06
N LEU B 340 -15.46 23.43 17.23
CA LEU B 340 -15.95 24.71 17.69
C LEU B 340 -16.07 25.70 16.54
N GLN B 341 -17.28 26.23 16.35
CA GLN B 341 -17.50 27.23 15.28
C GLN B 341 -17.04 28.56 15.84
N VAL B 342 -16.16 29.23 15.11
CA VAL B 342 -15.65 30.52 15.54
C VAL B 342 -16.15 31.67 14.68
N GLY B 343 -16.44 32.80 15.32
CA GLY B 343 -16.91 33.96 14.61
C GLY B 343 -18.41 33.97 14.37
#